data_7HIB
#
_entry.id   7HIB
#
_cell.length_a   87.802
_cell.length_b   87.802
_cell.length_c   85.488
_cell.angle_alpha   90.00
_cell.angle_beta   90.00
_cell.angle_gamma   120.00
#
_symmetry.space_group_name_H-M   'P 31'
#
loop_
_entity.id
_entity.type
_entity.pdbx_description
1 polymer 'Non-structural protein 3'
2 non-polymer 'CHLORIDE ION'
3 non-polymer 'DIMETHYL SULFOXIDE'
4 non-polymer 2-AMINO-2-HYDROXYMETHYL-PROPANE-1,3-DIOL
5 non-polymer N-[(1R)-1-(4-methoxyphenyl)-2-(1H-tetrazol-5-yl)ethyl]-7H-pyrrolo[2,3-d]pyrimidine-4-carboxamide
6 non-polymer GLYCEROL
7 water water
#
_entity_poly.entity_id   1
_entity_poly.type   'polypeptide(L)'
_entity_poly.pdbx_seq_one_letter_code
;GAMAPSYRVKRMDIAKNDEECVVNAANPRGLPGDGVCKAVYKKWPESFKNSATPVGTAKTVMCGTYPVIHAVGPNFSNYT
ESEGDRELAAAYREVAKEVTRLGVNSVAIPLLSTGVYSGGKDRLTQSLNHLFTAMDSTDADVVIYCRDKEWEKKISEAIQ
MRT
;
_entity_poly.pdbx_strand_id   A,B,C,D
#
loop_
_chem_comp.id
_chem_comp.type
_chem_comp.name
_chem_comp.formula
A1AK0 non-polymer N-[(1R)-1-(4-methoxyphenyl)-2-(1H-tetrazol-5-yl)ethyl]-7H-pyrrolo[2,3-d]pyrimidine-4-carboxamide 'C17 H16 N8 O2'
CL non-polymer 'CHLORIDE ION' 'Cl -1'
DMS non-polymer 'DIMETHYL SULFOXIDE' 'C2 H6 O S'
GOL non-polymer GLYCEROL 'C3 H8 O3'
TRS non-polymer 2-AMINO-2-HYDROXYMETHYL-PROPANE-1,3-DIOL 'C4 H12 N O3 1'
#
# COMPACT_ATOMS: atom_id res chain seq x y z
N GLY A 1 14.96 -13.09 -14.49
CA GLY A 1 15.15 -14.19 -13.55
C GLY A 1 16.23 -13.91 -12.53
N ALA A 2 16.37 -14.80 -11.53
CA ALA A 2 17.41 -14.64 -10.51
C ALA A 2 18.78 -14.97 -11.12
N MET A 3 19.87 -14.32 -10.65
CA MET A 3 21.21 -14.58 -11.22
C MET A 3 21.71 -16.03 -11.04
N ALA A 4 21.39 -16.65 -9.90
CA ALA A 4 21.75 -18.03 -9.61
C ALA A 4 20.51 -18.63 -8.93
N PRO A 5 19.49 -18.99 -9.74
CA PRO A 5 18.22 -19.50 -9.18
C PRO A 5 18.39 -20.54 -8.06
N SER A 6 17.75 -20.26 -6.91
CA SER A 6 17.91 -21.10 -5.74
C SER A 6 16.57 -21.51 -5.09
N TYR A 7 16.62 -22.49 -4.16
CA TYR A 7 15.51 -22.88 -3.29
C TYR A 7 15.96 -22.60 -1.85
N ARG A 8 15.06 -22.01 -1.06
CA ARG A 8 15.27 -21.76 0.36
C ARG A 8 13.99 -22.12 1.12
N VAL A 9 14.09 -22.35 2.44
CA VAL A 9 12.92 -22.61 3.27
C VAL A 9 12.95 -21.71 4.52
N LYS A 10 11.79 -21.16 4.92
CA LYS A 10 11.69 -20.32 6.11
C LYS A 10 10.48 -20.78 6.93
N ARG A 11 10.63 -20.83 8.25
CA ARG A 11 9.54 -21.21 9.14
C ARG A 11 8.92 -19.93 9.67
N MET A 12 7.90 -19.45 8.95
CA MET A 12 7.22 -18.21 9.33
C MET A 12 5.97 -18.03 8.47
N ASP A 13 5.16 -17.04 8.82
CA ASP A 13 3.92 -16.73 8.12
C ASP A 13 4.21 -16.21 6.69
N ILE A 14 3.70 -16.92 5.65
CA ILE A 14 3.89 -16.51 4.25
C ILE A 14 3.34 -15.10 3.95
N ALA A 15 2.38 -14.61 4.78
CA ALA A 15 1.83 -13.27 4.64
C ALA A 15 2.91 -12.18 4.92
N LYS A 16 4.06 -12.55 5.56
CA LYS A 16 5.18 -11.67 5.83
C LYS A 16 6.38 -11.96 4.88
N ASN A 17 6.14 -12.60 3.73
CA ASN A 17 7.22 -12.95 2.82
C ASN A 17 8.00 -11.74 2.28
N ASP A 18 9.24 -11.98 1.84
CA ASP A 18 10.12 -10.95 1.28
C ASP A 18 10.35 -11.22 -0.23
N GLU A 19 9.35 -11.84 -0.92
CA GLU A 19 9.44 -12.18 -2.33
C GLU A 19 8.55 -11.30 -3.22
N GLU A 20 8.76 -11.36 -4.56
CA GLU A 20 8.02 -10.52 -5.52
C GLU A 20 6.57 -10.91 -5.77
N CYS A 21 6.18 -12.12 -5.33
CA CYS A 21 4.82 -12.61 -5.46
C CYS A 21 4.61 -13.76 -4.47
N VAL A 22 3.35 -14.11 -4.25
CA VAL A 22 3.02 -15.17 -3.30
C VAL A 22 2.09 -16.18 -3.95
N VAL A 23 2.20 -17.45 -3.54
CA VAL A 23 1.29 -18.46 -3.99
C VAL A 23 0.35 -18.74 -2.80
N ASN A 24 -0.95 -18.60 -3.03
CA ASN A 24 -1.93 -18.93 -2.01
C ASN A 24 -2.34 -20.41 -2.14
N ALA A 25 -2.53 -21.13 -1.00
CA ALA A 25 -3.06 -22.50 -1.02
C ALA A 25 -4.59 -22.27 -0.94
N ALA A 26 -5.18 -21.98 -2.09
CA ALA A 26 -6.56 -21.56 -2.24
C ALA A 26 -7.58 -22.72 -2.23
N ASN A 27 -8.87 -22.37 -2.03
CA ASN A 27 -9.93 -23.34 -2.20
C ASN A 27 -10.56 -23.00 -3.57
N PRO A 28 -11.29 -23.94 -4.17
CA PRO A 28 -11.82 -23.69 -5.53
C PRO A 28 -12.84 -22.56 -5.65
N ARG A 29 -13.42 -22.13 -4.53
CA ARG A 29 -14.49 -21.14 -4.56
C ARG A 29 -14.07 -19.70 -4.29
N GLY A 30 -12.76 -19.47 -4.07
CA GLY A 30 -12.27 -18.14 -3.78
C GLY A 30 -12.74 -17.60 -2.46
N LEU A 31 -13.01 -18.50 -1.48
CA LEU A 31 -13.47 -18.11 -0.13
C LEU A 31 -12.26 -17.83 0.78
N PRO A 32 -12.43 -16.99 1.83
CA PRO A 32 -11.31 -16.71 2.76
C PRO A 32 -10.67 -17.97 3.37
N GLY A 33 -11.49 -19.01 3.61
CA GLY A 33 -10.98 -20.27 4.11
C GLY A 33 -10.30 -20.23 5.46
N ASP A 34 -9.25 -21.06 5.65
CA ASP A 34 -8.48 -21.09 6.91
C ASP A 34 -6.98 -21.35 6.60
N GLY A 35 -6.12 -21.42 7.64
CA GLY A 35 -4.69 -21.67 7.45
C GLY A 35 -4.01 -20.62 6.57
N VAL A 36 -3.20 -21.06 5.56
CA VAL A 36 -2.52 -20.15 4.63
C VAL A 36 -3.53 -19.22 3.95
N CYS A 37 -4.66 -19.80 3.47
CA CYS A 37 -5.67 -19.06 2.73
C CYS A 37 -6.20 -17.87 3.52
N LYS A 38 -6.48 -18.08 4.80
CA LYS A 38 -7.01 -17.00 5.65
C LYS A 38 -5.93 -15.91 5.89
N ALA A 39 -4.67 -16.30 6.06
CA ALA A 39 -3.59 -15.32 6.24
C ALA A 39 -3.42 -14.47 4.97
N VAL A 40 -3.56 -15.13 3.79
CA VAL A 40 -3.49 -14.44 2.50
C VAL A 40 -4.69 -13.50 2.35
N TYR A 41 -5.89 -13.96 2.78
CA TYR A 41 -7.08 -13.12 2.73
C TYR A 41 -6.92 -11.88 3.61
N LYS A 42 -6.34 -12.02 4.79
CA LYS A 42 -6.18 -10.86 5.69
C LYS A 42 -5.15 -9.87 5.13
N LYS A 43 -4.10 -10.38 4.46
CA LYS A 43 -3.02 -9.52 3.94
C LYS A 43 -3.34 -8.85 2.59
N TRP A 44 -3.92 -9.62 1.66
CA TRP A 44 -4.23 -9.16 0.31
C TRP A 44 -5.72 -9.45 -0.03
N PRO A 45 -6.69 -8.86 0.70
CA PRO A 45 -8.11 -9.19 0.44
C PRO A 45 -8.56 -8.89 -0.98
N GLU A 46 -8.00 -7.81 -1.57
CA GLU A 46 -8.35 -7.35 -2.93
C GLU A 46 -8.05 -8.46 -3.99
N SER A 47 -7.09 -9.35 -3.70
CA SER A 47 -6.71 -10.41 -4.63
C SER A 47 -7.78 -11.53 -4.74
N PHE A 48 -8.83 -11.47 -3.90
CA PHE A 48 -9.90 -12.48 -3.93
C PHE A 48 -11.07 -12.13 -4.88
N LYS A 49 -10.93 -11.04 -5.66
CA LYS A 49 -11.94 -10.66 -6.64
C LYS A 49 -11.86 -11.65 -7.82
N ASN A 50 -12.92 -12.46 -8.01
CA ASN A 50 -12.95 -13.46 -9.09
C ASN A 50 -11.75 -14.40 -9.05
N SER A 51 -11.38 -14.85 -7.84
CA SER A 51 -10.24 -15.77 -7.70
C SER A 51 -10.68 -17.25 -7.75
N ALA A 52 -12.01 -17.55 -7.80
CA ALA A 52 -12.49 -18.95 -7.87
C ALA A 52 -11.92 -19.61 -9.14
N THR A 53 -11.41 -20.85 -9.00
CA THR A 53 -10.78 -21.59 -10.10
C THR A 53 -10.81 -23.08 -9.76
N PRO A 54 -10.81 -23.98 -10.76
CA PRO A 54 -10.96 -25.42 -10.43
C PRO A 54 -9.73 -26.03 -9.76
N VAL A 55 -9.92 -27.25 -9.19
CA VAL A 55 -8.84 -28.01 -8.59
C VAL A 55 -7.79 -28.32 -9.71
N GLY A 56 -6.51 -28.24 -9.37
CA GLY A 56 -5.45 -28.53 -10.35
C GLY A 56 -5.05 -27.33 -11.21
N THR A 57 -5.60 -26.15 -10.89
CA THR A 57 -5.30 -24.93 -11.64
C THR A 57 -4.77 -23.79 -10.74
N ALA A 58 -4.25 -22.73 -11.36
CA ALA A 58 -3.78 -21.56 -10.65
C ALA A 58 -4.35 -20.32 -11.35
N LYS A 59 -4.79 -19.33 -10.58
CA LYS A 59 -5.34 -18.10 -11.15
C LYS A 59 -4.70 -16.92 -10.40
N THR A 60 -4.04 -16.01 -11.14
CA THR A 60 -3.39 -14.87 -10.51
C THR A 60 -4.30 -13.65 -10.50
N VAL A 61 -4.36 -12.98 -9.35
CA VAL A 61 -5.11 -11.74 -9.18
C VAL A 61 -4.18 -10.74 -8.49
N MET A 62 -4.09 -9.52 -9.01
N MET A 62 -4.05 -9.52 -9.03
CA MET A 62 -3.21 -8.49 -8.46
CA MET A 62 -3.17 -8.53 -8.42
C MET A 62 -3.81 -7.78 -7.25
C MET A 62 -3.83 -7.95 -7.18
N CYS A 63 -3.00 -7.54 -6.20
CA CYS A 63 -3.42 -6.72 -5.06
C CYS A 63 -2.49 -5.49 -5.27
N GLY A 64 -3.00 -4.40 -5.87
CA GLY A 64 -2.14 -3.28 -6.27
C GLY A 64 -1.31 -3.77 -7.44
N THR A 65 0.01 -3.82 -7.30
CA THR A 65 0.88 -4.44 -8.33
C THR A 65 1.47 -5.78 -7.80
N TYR A 66 1.08 -6.24 -6.60
CA TYR A 66 1.66 -7.44 -6.02
C TYR A 66 0.83 -8.66 -6.46
N PRO A 67 1.43 -9.62 -7.18
CA PRO A 67 0.66 -10.77 -7.66
C PRO A 67 0.40 -11.83 -6.61
N VAL A 68 -0.86 -12.27 -6.53
CA VAL A 68 -1.25 -13.39 -5.67
C VAL A 68 -1.70 -14.52 -6.62
N ILE A 69 -0.95 -15.64 -6.63
CA ILE A 69 -1.24 -16.79 -7.47
C ILE A 69 -2.08 -17.78 -6.65
N HIS A 70 -3.39 -17.82 -6.92
CA HIS A 70 -4.27 -18.73 -6.18
C HIS A 70 -4.14 -20.14 -6.76
N ALA A 71 -3.42 -21.04 -6.08
CA ALA A 71 -3.21 -22.42 -6.56
C ALA A 71 -4.13 -23.37 -5.80
N VAL A 72 -4.96 -24.13 -6.53
CA VAL A 72 -5.92 -25.02 -5.88
C VAL A 72 -5.47 -26.48 -5.94
N GLY A 73 -4.95 -26.96 -4.83
CA GLY A 73 -4.57 -28.36 -4.70
C GLY A 73 -5.79 -29.21 -4.35
N PRO A 74 -5.73 -30.53 -4.63
CA PRO A 74 -6.87 -31.40 -4.29
C PRO A 74 -7.01 -31.60 -2.78
N ASN A 75 -8.26 -31.80 -2.31
CA ASN A 75 -8.48 -32.19 -0.91
C ASN A 75 -8.50 -33.77 -0.95
N PHE A 76 -7.48 -34.41 -0.41
CA PHE A 76 -7.32 -35.88 -0.40
C PHE A 76 -8.43 -36.62 0.38
N SER A 77 -9.31 -35.88 1.09
CA SER A 77 -10.47 -36.53 1.70
C SER A 77 -11.50 -36.90 0.59
N ASN A 78 -11.50 -36.14 -0.54
CA ASN A 78 -12.45 -36.31 -1.65
C ASN A 78 -11.91 -37.09 -2.82
N TYR A 79 -10.61 -36.94 -3.08
CA TYR A 79 -9.98 -37.60 -4.23
C TYR A 79 -9.35 -38.93 -3.83
N THR A 80 -9.24 -39.86 -4.80
CA THR A 80 -8.47 -41.08 -4.56
C THR A 80 -6.97 -40.69 -4.53
N GLU A 81 -6.08 -41.58 -4.05
CA GLU A 81 -4.65 -41.30 -4.06
C GLU A 81 -4.13 -41.04 -5.49
N SER A 82 -4.54 -41.86 -6.45
CA SER A 82 -4.07 -41.71 -7.84
C SER A 82 -4.55 -40.36 -8.47
N GLU A 83 -5.85 -40.06 -8.36
CA GLU A 83 -6.39 -38.85 -8.98
C GLU A 83 -5.91 -37.59 -8.25
N GLY A 84 -5.79 -37.69 -6.92
CA GLY A 84 -5.31 -36.57 -6.13
C GLY A 84 -3.85 -36.26 -6.44
N ASP A 85 -3.03 -37.31 -6.67
CA ASP A 85 -1.62 -37.13 -7.02
C ASP A 85 -1.51 -36.37 -8.34
N ARG A 86 -2.35 -36.73 -9.32
CA ARG A 86 -2.36 -36.11 -10.63
C ARG A 86 -2.74 -34.61 -10.54
N GLU A 87 -3.82 -34.29 -9.77
CA GLU A 87 -4.23 -32.90 -9.63
C GLU A 87 -3.21 -32.04 -8.84
N LEU A 88 -2.51 -32.65 -7.88
CA LEU A 88 -1.52 -31.91 -7.09
C LEU A 88 -0.33 -31.53 -7.99
N ALA A 89 0.13 -32.49 -8.79
CA ALA A 89 1.24 -32.24 -9.74
C ALA A 89 0.79 -31.13 -10.75
N ALA A 90 -0.49 -31.17 -11.19
CA ALA A 90 -0.99 -30.20 -12.14
C ALA A 90 -1.07 -28.79 -11.54
N ALA A 91 -1.55 -28.66 -10.28
CA ALA A 91 -1.62 -27.33 -9.62
C ALA A 91 -0.21 -26.68 -9.61
N TYR A 92 0.83 -27.50 -9.28
CA TYR A 92 2.18 -26.95 -9.27
C TYR A 92 2.67 -26.57 -10.68
N ARG A 93 2.36 -27.38 -11.72
CA ARG A 93 2.75 -27.00 -13.10
C ARG A 93 2.12 -25.63 -13.50
N GLU A 94 0.86 -25.39 -13.09
CA GLU A 94 0.17 -24.11 -13.37
C GLU A 94 0.82 -22.96 -12.60
N VAL A 95 1.33 -23.23 -11.37
CA VAL A 95 2.06 -22.21 -10.62
C VAL A 95 3.34 -21.81 -11.41
N ALA A 96 4.09 -22.81 -11.91
CA ALA A 96 5.32 -22.54 -12.71
C ALA A 96 5.01 -21.67 -13.96
N LYS A 97 3.90 -21.98 -14.66
CA LYS A 97 3.49 -21.19 -15.83
C LYS A 97 3.22 -19.72 -15.42
N GLU A 98 2.49 -19.53 -14.30
CA GLU A 98 2.14 -18.17 -13.84
C GLU A 98 3.36 -17.38 -13.41
N VAL A 99 4.27 -18.02 -12.66
CA VAL A 99 5.50 -17.36 -12.20
C VAL A 99 6.32 -16.90 -13.43
N THR A 100 6.40 -17.77 -14.44
CA THR A 100 7.12 -17.42 -15.68
C THR A 100 6.44 -16.25 -16.40
N ARG A 101 5.11 -16.33 -16.58
CA ARG A 101 4.34 -15.28 -17.27
C ARG A 101 4.53 -13.91 -16.61
N LEU A 102 4.53 -13.88 -15.26
CA LEU A 102 4.69 -12.66 -14.46
C LEU A 102 6.08 -12.02 -14.56
N GLY A 103 7.09 -12.80 -14.92
CA GLY A 103 8.47 -12.28 -15.07
C GLY A 103 9.14 -11.98 -13.74
N VAL A 104 8.57 -12.47 -12.61
CA VAL A 104 9.15 -12.22 -11.28
C VAL A 104 10.51 -12.90 -11.09
N ASN A 105 11.35 -12.32 -10.24
CA ASN A 105 12.65 -12.88 -9.88
C ASN A 105 12.59 -13.76 -8.61
N SER A 106 11.44 -13.74 -7.91
CA SER A 106 11.28 -14.59 -6.71
C SER A 106 9.79 -14.87 -6.44
N VAL A 107 9.55 -15.95 -5.72
CA VAL A 107 8.18 -16.36 -5.37
C VAL A 107 8.18 -17.04 -4.00
N ALA A 108 7.16 -16.73 -3.15
CA ALA A 108 6.95 -17.35 -1.84
C ALA A 108 5.87 -18.45 -2.08
N ILE A 109 6.15 -19.69 -1.67
N ILE A 109 6.16 -19.70 -1.69
CA ILE A 109 5.22 -20.80 -1.91
CA ILE A 109 5.23 -20.80 -1.93
C ILE A 109 5.00 -21.68 -0.67
C ILE A 109 5.00 -21.67 -0.68
N PRO A 110 3.75 -22.06 -0.40
CA PRO A 110 3.50 -23.01 0.71
C PRO A 110 3.44 -24.47 0.13
N LEU A 111 3.35 -25.51 0.99
CA LEU A 111 3.25 -26.88 0.49
C LEU A 111 1.76 -27.24 0.26
N LEU A 112 1.37 -27.27 -1.00
CA LEU A 112 -0.04 -27.55 -1.36
C LEU A 112 -0.51 -28.92 -0.88
N SER A 113 -1.81 -29.01 -0.58
CA SER A 113 -2.49 -30.26 -0.20
C SER A 113 -1.96 -30.92 1.09
N THR A 114 -1.34 -30.12 1.94
CA THR A 114 -0.93 -30.58 3.26
C THR A 114 -2.08 -30.07 4.21
N GLY A 115 -1.86 -29.99 5.51
CA GLY A 115 -2.90 -29.53 6.42
C GLY A 115 -4.28 -30.17 6.24
N VAL A 116 -5.35 -29.33 6.21
CA VAL A 116 -6.72 -29.83 6.10
C VAL A 116 -7.07 -30.51 4.77
N TYR A 117 -6.22 -30.34 3.73
CA TYR A 117 -6.47 -31.06 2.47
C TYR A 117 -5.68 -32.38 2.37
N SER A 118 -4.95 -32.76 3.43
CA SER A 118 -4.08 -33.94 3.37
C SER A 118 -4.81 -35.29 3.52
N GLY A 119 -6.08 -35.31 3.90
CA GLY A 119 -6.79 -36.57 4.16
C GLY A 119 -6.18 -37.31 5.35
N GLY A 120 -5.64 -36.56 6.32
CA GLY A 120 -5.03 -37.10 7.54
C GLY A 120 -3.69 -37.79 7.36
N LYS A 121 -3.04 -37.57 6.21
CA LYS A 121 -1.76 -38.23 5.90
C LYS A 121 -0.62 -37.21 5.84
N ASP A 122 0.63 -37.64 6.09
CA ASP A 122 1.79 -36.75 6.00
C ASP A 122 2.15 -36.68 4.52
N ARG A 123 1.97 -35.51 3.90
CA ARG A 123 2.24 -35.36 2.47
C ARG A 123 3.42 -34.45 2.15
N LEU A 124 4.33 -34.23 3.13
CA LEU A 124 5.51 -33.36 2.90
C LEU A 124 6.30 -33.78 1.66
N THR A 125 6.75 -35.05 1.61
CA THR A 125 7.59 -35.51 0.49
C THR A 125 6.84 -35.45 -0.82
N GLN A 126 5.59 -35.90 -0.81
CA GLN A 126 4.79 -35.91 -2.04
C GLN A 126 4.60 -34.49 -2.61
N SER A 127 4.18 -33.55 -1.75
CA SER A 127 3.94 -32.18 -2.20
C SER A 127 5.25 -31.50 -2.62
N LEU A 128 6.32 -31.67 -1.83
CA LEU A 128 7.62 -31.05 -2.13
C LEU A 128 8.20 -31.55 -3.43
N ASN A 129 8.09 -32.85 -3.70
CA ASN A 129 8.63 -33.39 -4.95
C ASN A 129 7.90 -32.82 -6.16
N HIS A 130 6.54 -32.68 -6.08
CA HIS A 130 5.78 -32.09 -7.18
C HIS A 130 6.14 -30.59 -7.35
N LEU A 131 6.45 -29.90 -6.23
CA LEU A 131 6.90 -28.51 -6.24
C LEU A 131 8.22 -28.43 -7.07
N PHE A 132 9.21 -29.26 -6.71
CA PHE A 132 10.49 -29.32 -7.43
C PHE A 132 10.29 -29.66 -8.91
N THR A 133 9.45 -30.67 -9.25
CA THR A 133 9.26 -31.04 -10.66
C THR A 133 8.76 -29.86 -11.50
N ALA A 134 7.83 -29.09 -10.93
CA ALA A 134 7.29 -27.94 -11.65
C ALA A 134 8.28 -26.76 -11.70
N MET A 135 8.89 -26.41 -10.56
CA MET A 135 9.71 -25.20 -10.46
C MET A 135 11.15 -25.31 -10.96
N ASP A 136 11.66 -26.54 -11.11
CA ASP A 136 13.06 -26.72 -11.53
C ASP A 136 13.39 -26.05 -12.87
N SER A 137 12.45 -25.99 -13.82
CA SER A 137 12.71 -25.36 -15.11
C SER A 137 12.51 -23.84 -15.12
N THR A 138 12.08 -23.25 -13.98
CA THR A 138 11.93 -21.80 -13.86
C THR A 138 13.23 -21.20 -13.33
N ASP A 139 13.45 -19.89 -13.54
CA ASP A 139 14.67 -19.24 -13.02
C ASP A 139 14.37 -18.28 -11.84
N ALA A 140 13.18 -18.36 -11.26
CA ALA A 140 12.86 -17.54 -10.08
C ALA A 140 13.52 -18.14 -8.82
N ASP A 141 13.91 -17.30 -7.85
CA ASP A 141 14.35 -17.78 -6.54
C ASP A 141 13.07 -18.25 -5.85
N VAL A 142 13.06 -19.48 -5.35
CA VAL A 142 11.85 -20.02 -4.70
C VAL A 142 12.07 -20.06 -3.20
N VAL A 143 11.12 -19.49 -2.43
CA VAL A 143 11.24 -19.54 -0.97
C VAL A 143 10.00 -20.26 -0.44
N ILE A 144 10.20 -21.43 0.17
CA ILE A 144 9.13 -22.26 0.69
C ILE A 144 8.83 -21.85 2.11
N TYR A 145 7.55 -21.59 2.42
CA TYR A 145 7.18 -21.19 3.79
C TYR A 145 6.47 -22.34 4.49
N CYS A 146 6.86 -22.63 5.74
CA CYS A 146 6.22 -23.67 6.53
C CYS A 146 6.02 -23.20 7.98
N ARG A 147 5.31 -23.98 8.83
CA ARG A 147 5.11 -23.56 10.22
C ARG A 147 5.69 -24.56 11.24
N ASP A 148 5.88 -25.80 10.82
CA ASP A 148 6.38 -26.84 11.71
C ASP A 148 7.91 -26.93 11.74
N LYS A 149 8.50 -27.07 12.94
CA LYS A 149 9.95 -27.15 13.12
C LYS A 149 10.57 -28.39 12.45
N GLU A 150 9.91 -29.56 12.60
CA GLU A 150 10.40 -30.79 11.97
C GLU A 150 10.29 -30.70 10.44
N TRP A 151 9.20 -30.07 9.95
CA TRP A 151 9.07 -29.87 8.51
C TRP A 151 10.14 -28.95 7.96
N GLU A 152 10.48 -27.88 8.67
CA GLU A 152 11.55 -26.96 8.22
C GLU A 152 12.88 -27.72 8.02
N LYS A 153 13.20 -28.59 8.99
CA LYS A 153 14.42 -29.40 8.95
C LYS A 153 14.39 -30.37 7.75
N LYS A 154 13.25 -31.08 7.54
CA LYS A 154 13.10 -32.02 6.41
C LYS A 154 13.14 -31.33 5.04
N ILE A 155 12.50 -30.16 4.91
CA ILE A 155 12.55 -29.41 3.65
C ILE A 155 13.98 -28.93 3.38
N SER A 156 14.65 -28.41 4.42
CA SER A 156 16.02 -27.93 4.28
C SER A 156 16.95 -29.06 3.84
N GLU A 157 16.80 -30.24 4.45
CA GLU A 157 17.62 -31.40 4.09
C GLU A 157 17.36 -31.81 2.63
N ALA A 158 16.08 -31.81 2.22
CA ALA A 158 15.71 -32.18 0.85
C ALA A 158 16.32 -31.19 -0.16
N ILE A 159 16.34 -29.88 0.17
CA ILE A 159 16.94 -28.87 -0.71
C ILE A 159 18.46 -29.13 -0.81
N GLN A 160 19.12 -29.27 0.34
CA GLN A 160 20.58 -29.49 0.36
C GLN A 160 21.04 -30.74 -0.34
N MET A 161 20.24 -31.83 -0.27
CA MET A 161 20.56 -33.13 -0.87
C MET A 161 20.79 -33.03 -2.37
N ARG A 162 20.06 -32.14 -3.05
CA ARG A 162 20.18 -31.97 -4.50
C ARG A 162 21.31 -31.03 -4.96
N THR A 163 21.94 -30.32 -4.01
CA THR A 163 23.02 -29.39 -4.35
C THR A 163 24.43 -30.00 -4.19
N GLY B 1 33.39 2.37 9.28
CA GLY B 1 32.72 3.29 10.19
C GLY B 1 32.18 4.53 9.50
N ALA B 2 31.36 5.30 10.20
CA ALA B 2 30.80 6.52 9.63
C ALA B 2 31.90 7.59 9.50
N MET B 3 31.80 8.49 8.50
CA MET B 3 32.85 9.49 8.28
C MET B 3 33.00 10.52 9.43
N ALA B 4 31.89 10.86 10.08
CA ALA B 4 31.89 11.76 11.24
C ALA B 4 30.88 11.12 12.20
N PRO B 5 31.29 10.07 12.94
CA PRO B 5 30.32 9.36 13.83
C PRO B 5 29.44 10.28 14.65
N SER B 6 28.12 10.05 14.59
CA SER B 6 27.17 10.90 15.26
C SER B 6 26.11 10.12 16.06
N TYR B 7 25.36 10.84 16.91
CA TYR B 7 24.14 10.40 17.59
C TYR B 7 22.99 11.25 17.07
N ARG B 8 21.87 10.60 16.75
CA ARG B 8 20.63 11.23 16.28
C ARG B 8 19.46 10.56 16.98
N VAL B 9 18.32 11.25 17.10
CA VAL B 9 17.13 10.66 17.72
C VAL B 9 15.93 10.85 16.77
N LYS B 10 15.08 9.83 16.62
CA LYS B 10 13.90 9.91 15.77
C LYS B 10 12.71 9.37 16.54
N ARG B 11 11.59 10.06 16.45
CA ARG B 11 10.36 9.62 17.10
C ARG B 11 9.54 8.87 16.08
N MET B 12 9.76 7.55 16.00
CA MET B 12 9.04 6.70 15.05
C MET B 12 9.31 5.23 15.37
N ASP B 13 8.57 4.34 14.69
CA ASP B 13 8.68 2.90 14.87
C ASP B 13 10.05 2.41 14.38
N ILE B 14 10.79 1.76 15.31
CA ILE B 14 12.13 1.26 15.00
C ILE B 14 12.11 0.18 13.88
N ALA B 15 10.95 -0.47 13.66
CA ALA B 15 10.77 -1.42 12.55
C ALA B 15 10.91 -0.75 11.18
N LYS B 16 10.75 0.57 11.10
CA LYS B 16 10.88 1.34 9.86
C LYS B 16 12.21 2.10 9.80
N ASN B 17 13.23 1.63 10.53
CA ASN B 17 14.53 2.29 10.55
C ASN B 17 15.20 2.30 9.21
N ASP B 18 16.08 3.29 9.01
CA ASP B 18 16.85 3.46 7.78
C ASP B 18 18.35 3.14 8.04
N GLU B 19 18.66 2.29 9.05
CA GLU B 19 20.03 1.95 9.43
C GLU B 19 20.47 0.57 8.94
N GLU B 20 21.77 0.25 9.03
CA GLU B 20 22.31 -1.01 8.56
C GLU B 20 22.00 -2.21 9.44
N CYS B 21 21.53 -1.96 10.69
CA CYS B 21 21.13 -3.01 11.61
C CYS B 21 20.21 -2.41 12.68
N VAL B 22 19.48 -3.30 13.39
CA VAL B 22 18.57 -2.87 14.43
C VAL B 22 18.88 -3.59 15.73
N VAL B 23 18.65 -2.90 16.85
CA VAL B 23 18.80 -3.54 18.16
C VAL B 23 17.38 -3.76 18.66
N ASN B 24 17.04 -5.00 18.98
CA ASN B 24 15.73 -5.33 19.52
C ASN B 24 15.82 -5.26 21.08
N ALA B 25 14.78 -4.71 21.74
CA ALA B 25 14.71 -4.71 23.20
C ALA B 25 14.02 -6.06 23.50
N ALA B 26 14.82 -7.11 23.51
CA ALA B 26 14.37 -8.49 23.60
C ALA B 26 14.06 -9.00 25.02
N ASN B 27 13.31 -10.11 25.12
CA ASN B 27 13.16 -10.80 26.37
C ASN B 27 14.16 -12.00 26.31
N PRO B 28 14.50 -12.60 27.46
CA PRO B 28 15.49 -13.70 27.47
C PRO B 28 15.10 -14.96 26.73
N ARG B 29 13.82 -15.13 26.43
CA ARG B 29 13.33 -16.38 25.82
C ARG B 29 13.11 -16.34 24.32
N GLY B 30 13.36 -15.19 23.68
CA GLY B 30 13.14 -15.08 22.23
C GLY B 30 11.67 -15.12 21.86
N LEU B 31 10.82 -14.58 22.73
CA LEU B 31 9.36 -14.52 22.53
C LEU B 31 8.96 -13.18 21.87
N PRO B 32 7.80 -13.15 21.15
CA PRO B 32 7.37 -11.90 20.48
C PRO B 32 7.26 -10.64 21.38
N GLY B 33 6.82 -10.79 22.61
CA GLY B 33 6.78 -9.67 23.56
C GLY B 33 5.91 -8.45 23.34
N ASP B 34 6.31 -7.32 23.94
CA ASP B 34 5.58 -6.03 23.94
C ASP B 34 6.44 -4.91 23.36
N GLY B 35 5.81 -3.79 23.03
CA GLY B 35 6.49 -2.58 22.57
C GLY B 35 7.43 -2.78 21.40
N VAL B 36 8.71 -2.42 21.56
CA VAL B 36 9.72 -2.58 20.50
C VAL B 36 9.78 -4.03 19.99
N CYS B 37 9.81 -4.99 20.91
CA CYS B 37 9.91 -6.38 20.57
C CYS B 37 8.78 -6.86 19.64
N LYS B 38 7.55 -6.45 19.94
CA LYS B 38 6.38 -6.81 19.12
C LYS B 38 6.55 -6.25 17.69
N ALA B 39 7.06 -5.01 17.59
CA ALA B 39 7.25 -4.39 16.29
C ALA B 39 8.35 -5.08 15.50
N VAL B 40 9.44 -5.49 16.18
CA VAL B 40 10.55 -6.22 15.56
C VAL B 40 10.07 -7.59 15.10
N TYR B 41 9.24 -8.27 15.90
CA TYR B 41 8.69 -9.56 15.53
C TYR B 41 7.78 -9.46 14.29
N LYS B 42 7.07 -8.35 14.14
CA LYS B 42 6.14 -8.16 13.03
C LYS B 42 6.89 -8.11 11.68
N LYS B 43 8.11 -7.55 11.66
CA LYS B 43 8.89 -7.51 10.42
C LYS B 43 9.91 -8.67 10.27
N TRP B 44 10.63 -8.98 11.34
CA TRP B 44 11.65 -10.00 11.29
C TRP B 44 11.37 -11.21 12.19
N PRO B 45 10.26 -11.97 11.99
CA PRO B 45 10.00 -13.11 12.87
C PRO B 45 11.05 -14.20 12.84
N GLU B 46 11.61 -14.46 11.67
CA GLU B 46 12.66 -15.46 11.51
C GLU B 46 13.97 -15.03 12.20
N SER B 47 14.14 -13.73 12.54
CA SER B 47 15.27 -13.30 13.39
C SER B 47 15.12 -13.84 14.82
N PHE B 48 13.94 -14.35 15.21
CA PHE B 48 13.70 -14.93 16.51
C PHE B 48 14.10 -16.42 16.57
N LYS B 49 14.63 -17.00 15.47
CA LYS B 49 15.05 -18.40 15.47
C LYS B 49 16.28 -18.54 16.38
N ASN B 50 16.14 -19.27 17.50
CA ASN B 50 17.23 -19.45 18.48
C ASN B 50 17.82 -18.11 18.96
N SER B 51 16.95 -17.12 19.19
CA SER B 51 17.41 -15.81 19.67
C SER B 51 17.47 -15.74 21.23
N ALA B 52 17.00 -16.80 21.95
CA ALA B 52 17.03 -16.80 23.43
C ALA B 52 18.45 -16.60 23.94
N THR B 53 18.61 -15.68 24.90
CA THR B 53 19.94 -15.33 25.44
C THR B 53 19.73 -14.71 26.83
N PRO B 54 20.70 -14.84 27.75
CA PRO B 54 20.47 -14.32 29.12
C PRO B 54 20.38 -12.79 29.24
N VAL B 55 19.88 -12.34 30.40
CA VAL B 55 19.84 -10.91 30.73
C VAL B 55 21.29 -10.36 30.73
N GLY B 56 21.50 -9.16 30.22
CA GLY B 56 22.82 -8.55 30.19
C GLY B 56 23.66 -8.95 28.97
N THR B 57 23.05 -9.67 28.01
CA THR B 57 23.74 -10.12 26.81
C THR B 57 23.03 -9.68 25.51
N ALA B 58 23.70 -9.84 24.37
CA ALA B 58 23.10 -9.54 23.08
C ALA B 58 23.42 -10.73 22.14
N LYS B 59 22.44 -11.12 21.33
CA LYS B 59 22.63 -12.22 20.38
C LYS B 59 22.11 -11.75 19.03
N THR B 60 22.97 -11.78 17.99
CA THR B 60 22.58 -11.31 16.66
C THR B 60 22.06 -12.47 15.81
N VAL B 61 20.92 -12.27 15.14
CA VAL B 61 20.39 -13.28 14.22
C VAL B 61 20.24 -12.61 12.87
N MET B 62 20.93 -13.16 11.85
CA MET B 62 20.91 -12.62 10.49
C MET B 62 19.65 -12.99 9.73
N CYS B 63 19.07 -12.00 9.07
CA CYS B 63 17.93 -12.18 8.18
C CYS B 63 18.46 -11.82 6.82
N GLY B 64 19.10 -12.79 6.17
CA GLY B 64 19.80 -12.54 4.91
C GLY B 64 21.08 -11.83 5.28
N THR B 65 21.22 -10.55 4.84
CA THR B 65 22.38 -9.74 5.22
C THR B 65 22.02 -8.66 6.28
N TYR B 66 20.76 -8.62 6.77
CA TYR B 66 20.35 -7.59 7.75
C TYR B 66 20.43 -8.13 9.18
N PRO B 67 21.34 -7.59 10.02
CA PRO B 67 21.44 -8.08 11.40
C PRO B 67 20.44 -7.50 12.37
N VAL B 68 19.85 -8.38 13.19
CA VAL B 68 18.93 -8.02 14.28
C VAL B 68 19.65 -8.43 15.54
N ILE B 69 20.06 -7.44 16.34
CA ILE B 69 20.80 -7.67 17.57
C ILE B 69 19.81 -7.73 18.72
N HIS B 70 19.53 -8.92 19.24
CA HIS B 70 18.59 -9.07 20.34
C HIS B 70 19.32 -8.73 21.66
N ALA B 71 19.06 -7.54 22.24
CA ALA B 71 19.71 -7.11 23.50
C ALA B 71 18.74 -7.28 24.68
N VAL B 72 19.14 -8.06 25.69
CA VAL B 72 18.24 -8.34 26.81
C VAL B 72 18.58 -7.51 28.05
N GLY B 73 17.81 -6.44 28.25
CA GLY B 73 17.99 -5.61 29.43
C GLY B 73 17.25 -6.23 30.63
N PRO B 74 17.64 -5.87 31.85
CA PRO B 74 16.95 -6.44 33.03
C PRO B 74 15.53 -5.90 33.18
N ASN B 75 14.67 -6.70 33.80
CA ASN B 75 13.33 -6.26 34.15
C ASN B 75 13.45 -5.77 35.60
N PHE B 76 13.31 -4.47 35.82
CA PHE B 76 13.45 -3.87 37.16
C PHE B 76 12.33 -4.29 38.16
N SER B 77 11.29 -5.00 37.68
CA SER B 77 10.31 -5.58 38.61
C SER B 77 10.97 -6.80 39.34
N ASN B 78 11.96 -7.47 38.70
CA ASN B 78 12.64 -8.65 39.23
C ASN B 78 13.98 -8.36 39.85
N TYR B 79 14.75 -7.44 39.25
CA TYR B 79 16.09 -7.10 39.75
C TYR B 79 16.07 -5.97 40.75
N THR B 80 17.03 -5.95 41.69
CA THR B 80 17.19 -4.81 42.57
C THR B 80 17.75 -3.64 41.74
N GLU B 81 17.72 -2.39 42.28
CA GLU B 81 18.31 -1.26 41.57
C GLU B 81 19.81 -1.51 41.30
N SER B 82 20.52 -2.03 42.31
CA SER B 82 21.96 -2.28 42.17
C SER B 82 22.26 -3.32 41.06
N GLU B 83 21.63 -4.49 41.15
CA GLU B 83 21.91 -5.58 40.19
C GLU B 83 21.41 -5.25 38.78
N GLY B 84 20.26 -4.58 38.71
CA GLY B 84 19.69 -4.18 37.43
C GLY B 84 20.55 -3.14 36.75
N ASP B 85 21.14 -2.23 37.54
CA ASP B 85 22.00 -1.19 36.93
C ASP B 85 23.22 -1.84 36.24
N ARG B 86 23.78 -2.89 36.88
CA ARG B 86 24.93 -3.61 36.36
C ARG B 86 24.53 -4.39 35.08
N GLU B 87 23.35 -5.05 35.08
CA GLU B 87 22.91 -5.81 33.90
C GLU B 87 22.54 -4.88 32.71
N LEU B 88 22.01 -3.70 33.01
CA LEU B 88 21.63 -2.76 31.96
C LEU B 88 22.93 -2.22 31.27
N ALA B 89 23.95 -1.90 32.07
CA ALA B 89 25.26 -1.47 31.52
C ALA B 89 25.85 -2.60 30.65
N ALA B 90 25.76 -3.87 31.12
CA ALA B 90 26.28 -5.04 30.42
C ALA B 90 25.60 -5.29 29.09
N ALA B 91 24.24 -5.18 29.05
CA ALA B 91 23.51 -5.37 27.78
C ALA B 91 24.01 -4.36 26.72
N TYR B 92 24.18 -3.07 27.14
CA TYR B 92 24.65 -2.06 26.18
C TYR B 92 26.10 -2.33 25.75
N ARG B 93 26.99 -2.75 26.67
CA ARG B 93 28.38 -3.09 26.26
C ARG B 93 28.38 -4.25 25.22
N GLU B 94 27.49 -5.27 25.38
N GLU B 94 27.47 -5.24 25.38
CA GLU B 94 27.43 -6.36 24.39
CA GLU B 94 27.41 -6.35 24.41
C GLU B 94 26.92 -5.83 23.05
C GLU B 94 26.84 -5.88 23.05
N VAL B 95 25.96 -4.86 23.06
CA VAL B 95 25.47 -4.27 21.82
C VAL B 95 26.70 -3.56 21.09
N ALA B 96 27.52 -2.80 21.82
CA ALA B 96 28.69 -2.13 21.22
C ALA B 96 29.66 -3.16 20.58
N LYS B 97 29.90 -4.30 21.28
CA LYS B 97 30.75 -5.36 20.72
C LYS B 97 30.15 -5.93 19.42
N GLU B 98 28.83 -6.18 19.39
CA GLU B 98 28.15 -6.73 18.21
C GLU B 98 28.19 -5.76 17.03
N VAL B 99 27.90 -4.47 17.30
CA VAL B 99 27.94 -3.44 16.25
C VAL B 99 29.36 -3.37 15.62
N THR B 100 30.37 -3.44 16.48
CA THR B 100 31.76 -3.42 16.01
C THR B 100 32.05 -4.67 15.16
N ARG B 101 31.70 -5.85 15.67
CA ARG B 101 31.92 -7.13 14.98
C ARG B 101 31.29 -7.14 13.58
N LEU B 102 30.06 -6.62 13.48
CA LEU B 102 29.29 -6.59 12.24
C LEU B 102 29.88 -5.66 11.16
N GLY B 103 30.69 -4.68 11.57
CA GLY B 103 31.32 -3.72 10.66
C GLY B 103 30.36 -2.72 10.06
N VAL B 104 29.13 -2.61 10.64
CA VAL B 104 28.13 -1.68 10.13
C VAL B 104 28.55 -0.22 10.33
N ASN B 105 28.04 0.64 9.46
CA ASN B 105 28.27 2.07 9.52
C ASN B 105 27.14 2.81 10.29
N SER B 106 26.04 2.11 10.62
CA SER B 106 24.95 2.70 11.37
C SER B 106 24.15 1.62 12.11
N VAL B 107 23.46 2.03 13.16
CA VAL B 107 22.64 1.12 13.97
C VAL B 107 21.44 1.89 14.54
N ALA B 108 20.25 1.24 14.56
CA ALA B 108 19.02 1.78 15.14
C ALA B 108 18.90 1.14 16.54
N ILE B 109 18.76 1.96 17.59
N ILE B 109 18.77 1.96 17.59
CA ILE B 109 18.70 1.43 18.95
CA ILE B 109 18.72 1.43 18.96
C ILE B 109 17.57 2.02 19.80
C ILE B 109 17.57 2.01 19.79
N PRO B 110 16.85 1.18 20.55
CA PRO B 110 15.82 1.71 21.46
C PRO B 110 16.42 1.92 22.88
N LEU B 111 15.64 2.50 23.82
CA LEU B 111 16.14 2.69 25.18
C LEU B 111 15.79 1.45 26.02
N LEU B 112 16.78 0.60 26.27
CA LEU B 112 16.58 -0.65 26.98
C LEU B 112 16.09 -0.43 28.42
N SER B 113 15.32 -1.39 28.91
CA SER B 113 14.78 -1.44 30.27
C SER B 113 13.86 -0.26 30.66
N THR B 114 13.27 0.36 29.64
CA THR B 114 12.25 1.37 29.86
C THR B 114 10.90 0.59 29.67
N GLY B 115 9.78 1.27 29.49
CA GLY B 115 8.50 0.58 29.31
C GLY B 115 8.19 -0.49 30.35
N VAL B 116 7.72 -1.67 29.91
CA VAL B 116 7.31 -2.73 30.82
C VAL B 116 8.45 -3.33 31.69
N TYR B 117 9.72 -3.06 31.33
CA TYR B 117 10.84 -3.53 32.18
C TYR B 117 11.32 -2.47 33.17
N SER B 118 10.67 -1.30 33.23
CA SER B 118 11.13 -0.20 34.09
C SER B 118 10.80 -0.30 35.59
N GLY B 119 9.96 -1.27 35.98
CA GLY B 119 9.53 -1.36 37.37
C GLY B 119 8.73 -0.16 37.81
N GLY B 120 8.01 0.48 36.88
CA GLY B 120 7.19 1.66 37.16
C GLY B 120 7.96 2.96 37.35
N LYS B 121 9.25 2.97 37.00
CA LYS B 121 10.07 4.17 37.19
C LYS B 121 10.49 4.78 35.83
N ASP B 122 10.75 6.09 35.78
CA ASP B 122 11.24 6.76 34.57
C ASP B 122 12.72 6.47 34.48
N ARG B 123 13.14 5.72 33.47
CA ARG B 123 14.55 5.34 33.34
C ARG B 123 15.23 5.94 32.10
N LEU B 124 14.68 7.04 31.55
CA LEU B 124 15.31 7.68 30.36
C LEU B 124 16.78 8.03 30.60
N THR B 125 17.07 8.79 31.66
CA THR B 125 18.44 9.22 31.93
C THR B 125 19.37 8.05 32.20
N GLN B 126 18.90 7.09 33.01
CA GLN B 126 19.70 5.92 33.32
C GLN B 126 20.06 5.10 32.07
N SER B 127 19.05 4.76 31.26
CA SER B 127 19.24 3.97 30.06
C SER B 127 20.09 4.71 29.04
N LEU B 128 19.82 6.01 28.81
CA LEU B 128 20.60 6.83 27.85
C LEU B 128 22.07 6.93 28.28
N ASN B 129 22.32 7.09 29.59
CA ASN B 129 23.68 7.16 30.10
C ASN B 129 24.45 5.85 29.81
N HIS B 130 23.80 4.67 30.03
CA HIS B 130 24.47 3.40 29.73
C HIS B 130 24.68 3.21 28.20
N LEU B 131 23.73 3.75 27.41
CA LEU B 131 23.84 3.70 25.94
C LEU B 131 25.10 4.49 25.50
N PHE B 132 25.24 5.74 25.94
CA PHE B 132 26.40 6.56 25.63
C PHE B 132 27.70 5.89 26.11
N THR B 133 27.75 5.39 27.37
CA THR B 133 28.98 4.77 27.90
C THR B 133 29.48 3.63 27.00
N ALA B 134 28.54 2.82 26.52
CA ALA B 134 28.89 1.71 25.63
C ALA B 134 29.25 2.16 24.21
N MET B 135 28.40 3.03 23.59
CA MET B 135 28.52 3.35 22.18
C MET B 135 29.53 4.45 21.86
N ASP B 136 29.96 5.23 22.87
CA ASP B 136 30.90 6.34 22.62
C ASP B 136 32.19 5.91 21.94
N SER B 137 32.69 4.70 22.26
CA SER B 137 33.95 4.24 21.65
C SER B 137 33.78 3.58 20.29
N THR B 138 32.54 3.43 19.80
CA THR B 138 32.26 2.88 18.47
C THR B 138 32.23 4.00 17.42
N ASP B 139 32.42 3.66 16.13
CA ASP B 139 32.39 4.71 15.10
C ASP B 139 31.14 4.64 14.20
N ALA B 140 30.13 3.84 14.61
CA ALA B 140 28.89 3.74 13.83
C ALA B 140 28.03 4.99 14.08
N ASP B 141 27.23 5.42 13.10
CA ASP B 141 26.24 6.47 13.33
C ASP B 141 25.15 5.78 14.16
N VAL B 142 24.80 6.33 15.32
CA VAL B 142 23.79 5.72 16.18
C VAL B 142 22.50 6.51 16.07
N VAL B 143 21.38 5.81 15.79
CA VAL B 143 20.10 6.50 15.70
C VAL B 143 19.19 5.91 16.76
N ILE B 144 18.83 6.71 17.76
CA ILE B 144 17.99 6.29 18.87
C ILE B 144 16.54 6.45 18.49
N TYR B 145 15.74 5.40 18.64
CA TYR B 145 14.31 5.48 18.31
C TYR B 145 13.48 5.54 19.58
N CYS B 146 12.48 6.43 19.62
CA CYS B 146 11.57 6.55 20.75
C CYS B 146 10.13 6.81 20.23
N ARG B 147 9.14 6.80 21.12
CA ARG B 147 7.75 7.05 20.69
C ARG B 147 7.14 8.31 21.33
N ASP B 148 7.66 8.71 22.48
CA ASP B 148 7.13 9.83 23.23
C ASP B 148 7.73 11.18 22.82
N LYS B 149 6.88 12.21 22.68
CA LYS B 149 7.31 13.56 22.27
C LYS B 149 8.24 14.19 23.32
N GLU B 150 7.90 14.06 24.61
CA GLU B 150 8.75 14.63 25.67
C GLU B 150 10.09 13.89 25.73
N TRP B 151 10.08 12.56 25.51
CA TRP B 151 11.33 11.79 25.50
C TRP B 151 12.20 12.19 24.32
N GLU B 152 11.61 12.43 23.13
CA GLU B 152 12.38 12.88 21.95
C GLU B 152 13.13 14.18 22.26
N LYS B 153 12.43 15.13 22.91
CA LYS B 153 12.99 16.43 23.29
C LYS B 153 14.15 16.23 24.28
N LYS B 154 13.94 15.42 25.34
CA LYS B 154 14.99 15.16 26.34
C LYS B 154 16.21 14.44 25.75
N ILE B 155 16.00 13.45 24.89
CA ILE B 155 17.12 12.74 24.25
C ILE B 155 17.88 13.69 23.34
N SER B 156 17.14 14.50 22.54
CA SER B 156 17.78 15.46 21.64
C SER B 156 18.63 16.46 22.41
N GLU B 157 18.11 16.96 23.55
CA GLU B 157 18.85 17.91 24.38
C GLU B 157 20.12 17.26 24.93
N ALA B 158 20.00 16.00 25.40
CA ALA B 158 21.14 15.27 25.93
C ALA B 158 22.22 15.08 24.87
N ILE B 159 21.84 14.80 23.61
CA ILE B 159 22.82 14.64 22.53
C ILE B 159 23.52 15.98 22.25
N GLN B 160 22.73 17.06 22.13
CA GLN B 160 23.27 18.39 21.84
C GLN B 160 24.19 18.95 22.92
N MET B 161 23.89 18.66 24.19
CA MET B 161 24.67 19.14 25.34
C MET B 161 26.13 18.69 25.27
N ARG B 162 26.40 17.51 24.74
CA ARG B 162 27.76 16.99 24.65
C ARG B 162 28.57 17.48 23.44
N THR B 163 27.92 18.15 22.48
CA THR B 163 28.58 18.65 21.27
C THR B 163 28.98 20.13 21.36
N GLY C 1 -11.00 23.43 -10.39
CA GLY C 1 -10.33 22.41 -11.18
C GLY C 1 -9.99 22.87 -12.59
N ALA C 2 -9.17 22.07 -13.30
CA ALA C 2 -8.82 22.42 -14.69
C ALA C 2 -10.03 22.19 -15.60
N MET C 3 -10.15 22.98 -16.69
CA MET C 3 -11.31 22.84 -17.59
C MET C 3 -11.38 21.48 -18.33
N ALA C 4 -10.23 20.90 -18.66
CA ALA C 4 -10.14 19.58 -19.30
C ALA C 4 -8.94 18.92 -18.62
N PRO C 5 -9.16 18.37 -17.39
CA PRO C 5 -8.04 17.77 -16.62
C PRO C 5 -7.14 16.84 -17.43
N SER C 6 -5.83 17.09 -17.38
CA SER C 6 -4.89 16.33 -18.21
C SER C 6 -3.66 15.85 -17.40
N TYR C 7 -2.86 14.95 -18.05
CA TYR C 7 -1.56 14.51 -17.58
C TYR C 7 -0.53 14.94 -18.62
N ARG C 8 0.60 15.48 -18.15
CA ARG C 8 1.73 15.85 -18.99
C ARG C 8 3.03 15.41 -18.30
N VAL C 9 4.11 15.26 -19.08
CA VAL C 9 5.42 14.94 -18.50
C VAL C 9 6.46 15.94 -19.02
N LYS C 10 7.39 16.38 -18.14
CA LYS C 10 8.46 17.30 -18.53
C LYS C 10 9.78 16.78 -17.98
N ARG C 11 10.84 16.84 -18.80
CA ARG C 11 12.17 16.42 -18.35
C ARG C 11 12.86 17.72 -17.93
N MET C 12 12.64 18.11 -16.66
CA MET C 12 13.04 19.39 -16.11
C MET C 12 13.11 19.32 -14.55
N ASP C 13 13.89 20.25 -13.93
CA ASP C 13 14.00 20.33 -12.47
C ASP C 13 12.60 20.71 -11.87
N ILE C 14 12.04 19.85 -11.00
CA ILE C 14 10.72 20.13 -10.38
C ILE C 14 10.73 21.41 -9.52
N ALA C 15 11.94 21.83 -9.03
CA ALA C 15 12.08 23.07 -8.27
C ALA C 15 11.78 24.33 -9.14
N LYS C 16 11.74 24.17 -10.47
N LYS C 16 11.73 24.17 -10.48
CA LYS C 16 11.45 25.24 -11.42
CA LYS C 16 11.41 25.25 -11.39
C LYS C 16 10.08 25.02 -12.11
C LYS C 16 10.07 25.03 -12.10
N ASN C 17 9.17 24.23 -11.50
CA ASN C 17 7.87 23.95 -12.08
C ASN C 17 6.99 25.20 -12.37
N ASP C 18 6.03 25.06 -13.26
CA ASP C 18 5.10 26.14 -13.64
C ASP C 18 3.66 25.80 -13.14
N GLU C 19 3.54 25.02 -12.05
CA GLU C 19 2.25 24.60 -11.50
C GLU C 19 1.91 25.33 -10.18
N GLU C 20 0.63 25.19 -9.72
CA GLU C 20 0.14 25.89 -8.52
C GLU C 20 0.65 25.31 -7.19
N CYS C 21 1.20 24.11 -7.22
CA CYS C 21 1.77 23.49 -6.04
C CYS C 21 2.76 22.38 -6.45
N VAL C 22 3.59 21.93 -5.51
CA VAL C 22 4.57 20.89 -5.82
C VAL C 22 4.46 19.74 -4.83
N VAL C 23 4.80 18.54 -5.28
CA VAL C 23 4.86 17.39 -4.40
C VAL C 23 6.35 17.11 -4.17
N ASN C 24 6.77 17.10 -2.92
CA ASN C 24 8.15 16.77 -2.58
C ASN C 24 8.24 15.25 -2.33
N ALA C 25 9.34 14.60 -2.76
CA ALA C 25 9.63 13.18 -2.50
C ALA C 25 10.36 13.23 -1.15
N ALA C 26 9.58 13.37 -0.07
CA ALA C 26 10.07 13.64 1.28
C ALA C 26 10.52 12.40 2.07
N ASN C 27 11.19 12.59 3.25
CA ASN C 27 11.57 11.50 4.16
C ASN C 27 10.70 11.64 5.43
N PRO C 28 10.52 10.55 6.20
CA PRO C 28 9.61 10.62 7.36
C PRO C 28 9.89 11.69 8.43
N ARG C 29 11.15 12.12 8.60
CA ARG C 29 11.42 13.09 9.66
C ARG C 29 11.59 14.55 9.16
N GLY C 30 11.26 14.82 7.89
CA GLY C 30 11.29 16.19 7.37
C GLY C 30 12.63 16.88 7.22
N LEU C 31 13.69 16.10 6.95
CA LEU C 31 15.05 16.57 6.76
C LEU C 31 15.29 17.01 5.29
N PRO C 32 16.29 17.91 5.06
CA PRO C 32 16.58 18.36 3.68
C PRO C 32 16.88 17.22 2.70
N GLY C 33 17.46 16.14 3.21
CA GLY C 33 17.74 14.96 2.41
C GLY C 33 18.68 15.18 1.24
N ASP C 34 18.46 14.44 0.16
CA ASP C 34 19.30 14.54 -1.04
C ASP C 34 18.40 14.47 -2.30
N GLY C 35 19.00 14.73 -3.48
CA GLY C 35 18.28 14.72 -4.74
C GLY C 35 17.09 15.65 -4.79
N VAL C 36 15.90 15.14 -5.21
CA VAL C 36 14.58 15.86 -5.30
C VAL C 36 14.31 16.65 -4.03
N CYS C 37 14.40 15.95 -2.89
CA CYS C 37 14.12 16.50 -1.58
C CYS C 37 15.04 17.69 -1.28
N LYS C 38 16.33 17.59 -1.64
CA LYS C 38 17.29 18.68 -1.45
C LYS C 38 17.01 19.87 -2.39
N ALA C 39 16.59 19.62 -3.65
CA ALA C 39 16.23 20.71 -4.59
C ALA C 39 15.00 21.47 -4.05
N VAL C 40 14.02 20.71 -3.51
CA VAL C 40 12.82 21.27 -2.91
C VAL C 40 13.24 22.07 -1.66
N TYR C 41 14.16 21.53 -0.86
CA TYR C 41 14.65 22.24 0.33
C TYR C 41 15.33 23.57 -0.04
N LYS C 42 16.17 23.60 -1.09
CA LYS C 42 16.86 24.83 -1.49
C LYS C 42 15.88 25.87 -2.02
N LYS C 43 14.79 25.41 -2.70
CA LYS C 43 13.80 26.34 -3.27
C LYS C 43 12.75 26.86 -2.28
N TRP C 44 12.22 25.97 -1.43
CA TRP C 44 11.17 26.31 -0.47
C TRP C 44 11.57 25.85 0.95
N PRO C 45 12.69 26.40 1.53
CA PRO C 45 13.13 25.90 2.85
C PRO C 45 12.09 26.07 3.96
N GLU C 46 11.28 27.12 3.87
CA GLU C 46 10.25 27.46 4.85
C GLU C 46 9.19 26.38 4.98
N SER C 47 8.93 25.63 3.87
CA SER C 47 7.93 24.55 3.93
C SER C 47 8.40 23.33 4.76
N PHE C 48 9.65 23.32 5.26
CA PHE C 48 10.14 22.19 6.06
C PHE C 48 9.90 22.34 7.58
N LYS C 49 9.21 23.42 8.01
CA LYS C 49 8.88 23.63 9.41
C LYS C 49 7.77 22.63 9.78
N ASN C 50 8.07 21.69 10.68
CA ASN C 50 7.12 20.65 11.11
C ASN C 50 6.55 19.85 9.92
N SER C 51 7.42 19.49 8.96
CA SER C 51 6.98 18.73 7.78
C SER C 51 7.10 17.21 7.99
N ALA C 52 7.63 16.74 9.14
CA ALA C 52 7.75 15.30 9.43
C ALA C 52 6.37 14.62 9.33
N THR C 53 6.26 13.51 8.56
CA THR C 53 5.02 12.76 8.36
C THR C 53 5.38 11.27 8.06
N PRO C 54 4.61 10.28 8.58
CA PRO C 54 5.03 8.88 8.40
C PRO C 54 5.05 8.38 6.96
N VAL C 55 5.69 7.24 6.70
CA VAL C 55 5.68 6.61 5.37
C VAL C 55 4.21 6.29 4.98
N GLY C 56 3.86 6.53 3.73
CA GLY C 56 2.51 6.29 3.21
C GLY C 56 1.55 7.44 3.43
N THR C 57 2.07 8.60 3.90
CA THR C 57 1.24 9.78 4.15
C THR C 57 1.80 11.02 3.39
N ALA C 58 1.02 12.11 3.38
CA ALA C 58 1.43 13.36 2.79
C ALA C 58 1.06 14.49 3.75
N LYS C 59 1.92 15.50 3.88
CA LYS C 59 1.65 16.63 4.78
C LYS C 59 2.02 17.91 4.02
N THR C 60 1.08 18.85 3.92
CA THR C 60 1.34 20.10 3.19
C THR C 60 1.81 21.21 4.11
N VAL C 61 2.88 21.88 3.69
CA VAL C 61 3.37 23.05 4.41
C VAL C 61 3.54 24.19 3.39
N MET C 62 3.05 25.37 3.72
CA MET C 62 3.12 26.52 2.82
C MET C 62 4.48 27.15 2.88
N CYS C 63 4.97 27.63 1.74
CA CYS C 63 6.16 28.44 1.70
C CYS C 63 5.57 29.75 1.16
N GLY C 64 5.29 30.71 2.05
CA GLY C 64 4.54 31.92 1.67
C GLY C 64 3.09 31.46 1.48
N THR C 65 2.55 31.56 0.27
CA THR C 65 1.23 30.98 -0.04
C THR C 65 1.38 29.76 -1.02
N TYR C 66 2.62 29.36 -1.39
CA TYR C 66 2.85 28.29 -2.32
C TYR C 66 2.86 26.96 -1.58
N PRO C 67 1.92 26.04 -1.87
CA PRO C 67 1.89 24.77 -1.11
C PRO C 67 2.94 23.76 -1.55
N VAL C 68 3.61 23.18 -0.56
CA VAL C 68 4.55 22.08 -0.78
C VAL C 68 3.95 20.84 -0.10
N ILE C 69 3.60 19.81 -0.88
CA ILE C 69 3.00 18.58 -0.36
C ILE C 69 4.09 17.57 -0.14
N HIS C 70 4.48 17.37 1.12
CA HIS C 70 5.54 16.43 1.45
C HIS C 70 4.98 15.01 1.43
N ALA C 71 5.24 14.25 0.35
CA ALA C 71 4.73 12.87 0.22
C ALA C 71 5.83 11.88 0.54
N VAL C 72 5.59 11.00 1.54
CA VAL C 72 6.61 10.06 1.96
C VAL C 72 6.37 8.66 1.41
N GLY C 73 7.07 8.32 0.34
CA GLY C 73 6.96 6.97 -0.21
C GLY C 73 7.89 6.02 0.55
N PRO C 74 7.63 4.71 0.48
CA PRO C 74 8.51 3.77 1.18
C PRO C 74 9.90 3.66 0.52
N ASN C 75 10.91 3.38 1.35
CA ASN C 75 12.24 3.11 0.81
C ASN C 75 12.27 1.58 0.67
N PHE C 76 12.30 1.04 -0.58
CA PHE C 76 12.28 -0.40 -0.83
C PHE C 76 13.53 -1.13 -0.33
N SER C 77 14.56 -0.39 0.15
CA SER C 77 15.69 -1.08 0.81
C SER C 77 15.23 -1.61 2.19
N ASN C 78 14.21 -0.98 2.79
CA ASN C 78 13.68 -1.20 4.13
C ASN C 78 12.32 -1.92 4.19
N TYR C 79 11.58 -1.96 3.10
CA TYR C 79 10.27 -2.62 3.03
C TYR C 79 10.33 -3.83 2.12
N THR C 80 9.47 -4.81 2.37
CA THR C 80 9.36 -5.95 1.46
C THR C 80 8.58 -5.44 0.23
N GLU C 81 8.55 -6.22 -0.88
CA GLU C 81 7.78 -5.82 -2.07
C GLU C 81 6.29 -5.68 -1.72
N SER C 82 5.77 -6.62 -0.92
CA SER C 82 4.35 -6.61 -0.53
C SER C 82 4.00 -5.35 0.28
N GLU C 83 4.75 -5.10 1.36
CA GLU C 83 4.43 -3.99 2.26
C GLU C 83 4.70 -2.63 1.59
N GLY C 84 5.78 -2.56 0.82
CA GLY C 84 6.14 -1.33 0.13
C GLY C 84 5.13 -0.98 -0.94
N ASP C 85 4.58 -2.00 -1.63
CA ASP C 85 3.56 -1.73 -2.66
C ASP C 85 2.32 -1.04 -2.05
N ARG C 86 1.90 -1.53 -0.87
CA ARG C 86 0.76 -0.92 -0.20
C ARG C 86 1.06 0.52 0.31
N GLU C 87 2.26 0.79 0.84
CA GLU C 87 2.61 2.13 1.32
C GLU C 87 2.74 3.15 0.16
N LEU C 88 3.21 2.65 -1.02
CA LEU C 88 3.41 3.51 -2.19
C LEU C 88 2.02 3.96 -2.67
N ALA C 89 1.08 3.00 -2.80
CA ALA C 89 -0.30 3.33 -3.18
C ALA C 89 -0.91 4.37 -2.20
N ALA C 90 -0.70 4.16 -0.88
CA ALA C 90 -1.22 5.03 0.19
C ALA C 90 -0.65 6.45 0.09
N ALA C 91 0.65 6.56 -0.18
CA ALA C 91 1.30 7.88 -0.30
C ALA C 91 0.67 8.67 -1.44
N TYR C 92 0.46 8.01 -2.61
CA TYR C 92 -0.17 8.70 -3.73
C TYR C 92 -1.63 9.06 -3.43
N ARG C 93 -2.36 8.19 -2.72
N ARG C 93 -2.36 8.19 -2.72
CA ARG C 93 -3.74 8.49 -2.33
CA ARG C 93 -3.74 8.49 -2.33
C ARG C 93 -3.79 9.75 -1.44
C ARG C 93 -3.79 9.75 -1.46
N GLU C 94 -2.81 9.91 -0.56
CA GLU C 94 -2.75 11.09 0.30
C GLU C 94 -2.40 12.35 -0.50
N VAL C 95 -1.58 12.21 -1.57
CA VAL C 95 -1.29 13.35 -2.46
C VAL C 95 -2.61 13.80 -3.14
N ALA C 96 -3.42 12.84 -3.64
CA ALA C 96 -4.71 13.19 -4.25
C ALA C 96 -5.63 13.95 -3.27
N LYS C 97 -5.72 13.49 -2.00
CA LYS C 97 -6.53 14.17 -0.99
C LYS C 97 -6.00 15.61 -0.77
N GLU C 98 -4.66 15.79 -0.66
CA GLU C 98 -4.10 17.13 -0.41
C GLU C 98 -4.31 18.09 -1.58
N VAL C 99 -4.13 17.60 -2.80
CA VAL C 99 -4.35 18.40 -4.00
C VAL C 99 -5.83 18.88 -4.03
N THR C 100 -6.75 17.96 -3.70
CA THR C 100 -8.19 18.30 -3.67
C THR C 100 -8.48 19.33 -2.56
N ARG C 101 -7.95 19.09 -1.35
CA ARG C 101 -8.16 20.00 -0.21
C ARG C 101 -7.69 21.43 -0.54
N LEU C 102 -6.55 21.54 -1.23
CA LEU C 102 -5.96 22.85 -1.58
C LEU C 102 -6.77 23.63 -2.65
N GLY C 103 -7.58 22.92 -3.45
CA GLY C 103 -8.37 23.57 -4.50
C GLY C 103 -7.55 24.03 -5.71
N VAL C 104 -6.30 23.55 -5.82
CA VAL C 104 -5.43 23.95 -6.93
C VAL C 104 -5.92 23.41 -8.28
N ASN C 105 -5.57 24.12 -9.36
CA ASN C 105 -5.90 23.71 -10.72
C ASN C 105 -4.75 22.89 -11.36
N SER C 106 -3.56 22.85 -10.73
CA SER C 106 -2.43 22.08 -11.27
C SER C 106 -1.47 21.68 -10.15
N VAL C 107 -0.69 20.63 -10.40
CA VAL C 107 0.28 20.12 -9.43
C VAL C 107 1.47 19.53 -10.18
N ALA C 108 2.70 19.77 -9.66
CA ALA C 108 3.97 19.22 -10.18
C ALA C 108 4.28 18.01 -9.29
N ILE C 109 4.51 16.83 -9.89
N ILE C 109 4.49 16.82 -9.89
CA ILE C 109 4.78 15.62 -9.09
CA ILE C 109 4.76 15.61 -9.09
C ILE C 109 5.98 14.82 -9.61
C ILE C 109 5.98 14.81 -9.61
N PRO C 110 6.85 14.34 -8.69
CA PRO C 110 7.96 13.45 -9.12
C PRO C 110 7.50 11.95 -8.99
N LEU C 111 8.30 11.00 -9.48
CA LEU C 111 7.91 9.58 -9.34
C LEU C 111 8.39 9.05 -8.00
N LEU C 112 7.45 8.89 -7.06
CA LEU C 112 7.78 8.46 -5.71
C LEU C 112 8.41 7.03 -5.68
N SER C 113 9.28 6.83 -4.71
CA SER C 113 9.96 5.57 -4.44
C SER C 113 10.86 5.06 -5.60
N THR C 114 11.33 5.98 -6.44
CA THR C 114 12.29 5.62 -7.48
C THR C 114 13.68 6.11 -6.92
N GLY C 115 14.74 6.14 -7.74
CA GLY C 115 16.06 6.61 -7.27
C GLY C 115 16.57 5.87 -6.03
N VAL C 116 17.04 6.62 -5.02
CA VAL C 116 17.60 6.02 -3.79
C VAL C 116 16.58 5.25 -2.94
N TYR C 117 15.27 5.40 -3.19
CA TYR C 117 14.27 4.61 -2.44
C TYR C 117 13.84 3.35 -3.23
N SER C 118 14.47 3.02 -4.38
CA SER C 118 14.01 1.91 -5.22
C SER C 118 14.50 0.52 -4.85
N GLY C 119 15.44 0.45 -3.93
CA GLY C 119 16.03 -0.84 -3.56
C GLY C 119 16.78 -1.48 -4.72
N GLY C 120 17.36 -0.64 -5.60
CA GLY C 120 18.11 -1.08 -6.77
C GLY C 120 17.27 -1.62 -7.92
N LYS C 121 15.95 -1.43 -7.89
CA LYS C 121 15.06 -1.95 -8.92
C LYS C 121 14.45 -0.81 -9.76
N ASP C 122 14.08 -1.09 -11.03
CA ASP C 122 13.45 -0.05 -11.87
C ASP C 122 11.98 -0.04 -11.47
N ARG C 123 11.50 1.07 -10.89
CA ARG C 123 10.12 1.16 -10.42
C ARG C 123 9.26 2.14 -11.20
N LEU C 124 9.64 2.47 -12.45
N LEU C 124 9.63 2.46 -12.44
CA LEU C 124 8.87 3.44 -13.23
CA LEU C 124 8.89 3.42 -13.24
C LEU C 124 7.39 3.04 -13.39
C LEU C 124 7.39 3.03 -13.40
N THR C 125 7.14 1.83 -13.92
CA THR C 125 5.77 1.34 -14.15
C THR C 125 5.00 1.23 -12.85
N GLN C 126 5.64 0.70 -11.81
CA GLN C 126 4.95 0.57 -10.52
C GLN C 126 4.54 1.95 -9.94
N SER C 127 5.48 2.88 -9.88
CA SER C 127 5.21 4.21 -9.31
C SER C 127 4.17 4.96 -10.16
N LEU C 128 4.31 4.91 -11.49
CA LEU C 128 3.37 5.59 -12.40
C LEU C 128 1.95 5.01 -12.29
N ASN C 129 1.84 3.67 -12.15
CA ASN C 129 0.54 3.03 -12.00
C ASN C 129 -0.16 3.53 -10.70
N HIS C 130 0.59 3.63 -9.60
CA HIS C 130 0.00 4.12 -8.34
C HIS C 130 -0.38 5.63 -8.45
N LEU C 131 0.41 6.39 -9.23
CA LEU C 131 0.16 7.81 -9.45
C LEU C 131 -1.19 7.96 -10.17
N PHE C 132 -1.38 7.24 -11.28
CA PHE C 132 -2.65 7.27 -12.05
C PHE C 132 -3.83 6.80 -11.19
N THR C 133 -3.68 5.70 -10.43
CA THR C 133 -4.80 5.19 -9.62
C THR C 133 -5.33 6.24 -8.65
N ALA C 134 -4.41 6.98 -8.02
CA ALA C 134 -4.76 8.04 -7.08
C ALA C 134 -5.29 9.29 -7.78
N MET C 135 -4.59 9.78 -8.82
CA MET C 135 -4.90 11.07 -9.44
C MET C 135 -6.03 11.07 -10.45
N ASP C 136 -6.41 9.89 -10.98
CA ASP C 136 -7.46 9.85 -12.02
C ASP C 136 -8.77 10.48 -11.57
N SER C 137 -9.12 10.35 -10.25
CA SER C 137 -10.38 10.94 -9.79
C SER C 137 -10.28 12.42 -9.44
N THR C 138 -9.08 13.03 -9.55
CA THR C 138 -8.92 14.46 -9.30
C THR C 138 -9.10 15.26 -10.59
N ASP C 139 -9.42 16.57 -10.49
CA ASP C 139 -9.59 17.40 -11.67
C ASP C 139 -8.43 18.39 -11.89
N ALA C 140 -7.32 18.22 -11.16
CA ALA C 140 -6.15 19.09 -11.35
C ALA C 140 -5.37 18.65 -12.59
N ASP C 141 -4.74 19.60 -13.31
CA ASP C 141 -3.80 19.24 -14.38
C ASP C 141 -2.56 18.70 -13.66
N VAL C 142 -2.10 17.50 -14.02
CA VAL C 142 -0.96 16.88 -13.35
C VAL C 142 0.25 16.96 -14.27
N VAL C 143 1.39 17.47 -13.76
CA VAL C 143 2.59 17.53 -14.57
C VAL C 143 3.67 16.73 -13.87
N ILE C 144 4.10 15.65 -14.49
CA ILE C 144 5.10 14.75 -13.91
C ILE C 144 6.48 15.23 -14.31
N TYR C 145 7.39 15.39 -13.35
CA TYR C 145 8.75 15.85 -13.65
C TYR C 145 9.73 14.70 -13.51
N CYS C 146 10.62 14.55 -14.50
CA CYS C 146 11.63 13.50 -14.46
C CYS C 146 12.99 14.07 -14.98
N ARG C 147 14.06 13.28 -14.86
CA ARG C 147 15.39 13.70 -15.27
C ARG C 147 15.91 12.89 -16.46
N ASP C 148 15.52 11.62 -16.57
CA ASP C 148 15.99 10.67 -17.58
C ASP C 148 15.21 10.74 -18.91
N LYS C 149 15.95 10.76 -20.05
CA LYS C 149 15.36 10.83 -21.40
C LYS C 149 14.51 9.59 -21.73
N GLU C 150 15.00 8.37 -21.38
CA GLU C 150 14.22 7.16 -21.63
C GLU C 150 12.95 7.15 -20.76
N TRP C 151 13.06 7.63 -19.52
CA TRP C 151 11.87 7.70 -18.64
C TRP C 151 10.85 8.69 -19.17
N GLU C 152 11.29 9.86 -19.70
CA GLU C 152 10.37 10.82 -20.29
C GLU C 152 9.55 10.19 -21.43
N LYS C 153 10.22 9.42 -22.30
CA LYS C 153 9.58 8.74 -23.42
C LYS C 153 8.57 7.69 -22.91
N LYS C 154 8.96 6.86 -21.95
CA LYS C 154 8.07 5.84 -21.39
C LYS C 154 6.85 6.43 -20.67
N ILE C 155 7.04 7.52 -19.91
CA ILE C 155 5.92 8.17 -19.23
C ILE C 155 4.98 8.78 -20.27
N SER C 156 5.55 9.45 -21.30
CA SER C 156 4.74 10.06 -22.33
C SER C 156 3.90 9.02 -23.07
N GLU C 157 4.49 7.86 -23.40
CA GLU C 157 3.78 6.76 -24.07
C GLU C 157 2.65 6.24 -23.17
N ALA C 158 2.92 6.09 -21.87
CA ALA C 158 1.92 5.61 -20.93
C ALA C 158 0.74 6.58 -20.84
N ILE C 159 1.00 7.90 -20.86
CA ILE C 159 -0.05 8.90 -20.83
C ILE C 159 -0.91 8.80 -22.12
N GLN C 160 -0.24 8.79 -23.29
CA GLN C 160 -0.92 8.72 -24.58
C GLN C 160 -1.74 7.46 -24.79
N MET C 161 -1.28 6.32 -24.27
CA MET C 161 -1.96 5.03 -24.38
C MET C 161 -3.40 5.07 -23.85
N ARG C 162 -3.63 5.83 -22.78
CA ARG C 162 -4.95 5.94 -22.14
C ARG C 162 -5.89 6.96 -22.77
N THR C 163 -5.40 7.79 -23.70
CA THR C 163 -6.23 8.79 -24.37
C THR C 163 -6.78 8.29 -25.73
N PRO D 5 -41.87 17.12 -12.38
CA PRO D 5 -41.34 15.88 -13.01
C PRO D 5 -41.88 14.60 -12.34
N SER D 6 -41.72 13.47 -13.03
N SER D 6 -41.73 13.45 -13.03
CA SER D 6 -42.13 12.18 -12.46
CA SER D 6 -42.15 12.15 -12.48
C SER D 6 -40.87 11.36 -12.13
C SER D 6 -40.90 11.31 -12.20
N TYR D 7 -40.97 10.41 -11.20
CA TYR D 7 -39.79 9.60 -10.84
C TYR D 7 -40.12 8.15 -10.82
N ARG D 8 -39.24 7.35 -11.40
CA ARG D 8 -39.32 5.90 -11.41
C ARG D 8 -37.94 5.30 -11.12
N VAL D 9 -37.90 4.05 -10.66
CA VAL D 9 -36.65 3.36 -10.41
C VAL D 9 -36.64 2.00 -11.14
N LYS D 10 -35.51 1.65 -11.78
CA LYS D 10 -35.37 0.37 -12.44
C LYS D 10 -34.08 -0.31 -11.97
N ARG D 11 -34.15 -1.62 -11.71
CA ARG D 11 -32.96 -2.37 -11.35
C ARG D 11 -32.46 -3.05 -12.62
N MET D 12 -31.58 -2.36 -13.35
CA MET D 12 -31.04 -2.86 -14.61
C MET D 12 -29.89 -2.00 -15.09
N ASP D 13 -29.16 -2.47 -16.11
CA ASP D 13 -28.02 -1.77 -16.65
C ASP D 13 -28.48 -0.46 -17.34
N ILE D 14 -27.98 0.70 -16.86
CA ILE D 14 -28.32 2.01 -17.45
C ILE D 14 -27.92 2.10 -18.96
N ALA D 15 -26.96 1.26 -19.39
CA ALA D 15 -26.54 1.22 -20.81
C ALA D 15 -27.70 0.69 -21.70
N LYS D 16 -28.73 0.05 -21.10
CA LYS D 16 -29.91 -0.47 -21.80
C LYS D 16 -31.15 0.34 -21.49
N ASN D 17 -31.01 1.61 -21.05
CA ASN D 17 -32.17 2.42 -20.68
C ASN D 17 -33.19 2.61 -21.84
N ASP D 18 -34.41 2.97 -21.49
CA ASP D 18 -35.50 3.23 -22.44
C ASP D 18 -35.87 4.75 -22.44
N GLU D 19 -34.90 5.63 -22.13
CA GLU D 19 -35.08 7.07 -22.05
C GLU D 19 -34.42 7.84 -23.20
N GLU D 20 -34.76 9.15 -23.36
CA GLU D 20 -34.25 9.99 -24.46
C GLU D 20 -32.79 10.41 -24.33
N CYS D 21 -32.23 10.28 -23.14
CA CYS D 21 -30.83 10.61 -22.90
C CYS D 21 -30.36 9.91 -21.63
N VAL D 22 -29.04 9.87 -21.43
CA VAL D 22 -28.47 9.18 -20.28
C VAL D 22 -27.50 10.11 -19.55
N VAL D 23 -27.40 9.93 -18.24
CA VAL D 23 -26.43 10.64 -17.45
C VAL D 23 -25.33 9.63 -17.10
N ASN D 24 -24.09 9.93 -17.47
CA ASN D 24 -22.97 9.07 -17.12
C ASN D 24 -22.41 9.53 -15.75
N ALA D 25 -22.01 8.55 -14.88
CA ALA D 25 -21.32 8.88 -13.62
C ALA D 25 -19.84 8.92 -14.05
N ALA D 26 -19.43 10.05 -14.61
CA ALA D 26 -18.12 10.23 -15.23
C ALA D 26 -16.97 10.52 -14.25
N ASN D 27 -15.72 10.37 -14.73
CA ASN D 27 -14.55 10.82 -13.99
C ASN D 27 -14.13 12.15 -14.66
N PRO D 28 -13.37 13.01 -13.95
CA PRO D 28 -13.03 14.33 -14.53
C PRO D 28 -12.18 14.29 -15.80
N ARG D 29 -11.50 13.19 -16.04
CA ARG D 29 -10.55 13.11 -17.16
C ARG D 29 -11.11 12.52 -18.46
N GLY D 30 -12.39 12.12 -18.44
CA GLY D 30 -13.02 11.52 -19.62
C GLY D 30 -12.47 10.14 -19.96
N LEU D 31 -12.00 9.42 -18.94
CA LEU D 31 -11.45 8.09 -19.15
C LEU D 31 -12.57 7.03 -19.13
N PRO D 32 -12.35 5.85 -19.74
CA PRO D 32 -13.39 4.79 -19.72
C PRO D 32 -13.81 4.38 -18.31
N GLY D 33 -12.86 4.42 -17.37
CA GLY D 33 -13.13 4.12 -15.96
C GLY D 33 -13.64 2.72 -15.68
N ASP D 34 -14.56 2.60 -14.72
CA ASP D 34 -15.17 1.32 -14.35
C ASP D 34 -16.66 1.54 -13.95
N GLY D 35 -17.38 0.49 -13.55
CA GLY D 35 -18.78 0.61 -13.14
C GLY D 35 -19.66 1.19 -14.23
N VAL D 36 -20.53 2.19 -13.87
CA VAL D 36 -21.41 2.87 -14.82
C VAL D 36 -20.62 3.44 -16.00
N CYS D 37 -19.51 4.14 -15.70
CA CYS D 37 -18.69 4.81 -16.69
C CYS D 37 -18.20 3.85 -17.77
N LYS D 38 -17.76 2.64 -17.37
CA LYS D 38 -17.26 1.65 -18.35
C LYS D 38 -18.41 1.10 -19.21
N ALA D 39 -19.59 0.91 -18.63
CA ALA D 39 -20.77 0.44 -19.39
C ALA D 39 -21.18 1.52 -20.42
N VAL D 40 -21.10 2.80 -20.03
CA VAL D 40 -21.43 3.93 -20.89
C VAL D 40 -20.36 4.02 -22.01
N TYR D 41 -19.09 3.78 -21.68
CA TYR D 41 -18.00 3.78 -22.67
C TYR D 41 -18.22 2.66 -23.70
N LYS D 42 -18.63 1.46 -23.26
CA LYS D 42 -18.84 0.35 -24.19
C LYS D 42 -20.05 0.60 -25.10
N LYS D 43 -21.09 1.26 -24.58
CA LYS D 43 -22.33 1.52 -25.34
C LYS D 43 -22.26 2.74 -26.27
N TRP D 44 -21.70 3.84 -25.80
CA TRP D 44 -21.63 5.12 -26.53
C TRP D 44 -20.17 5.66 -26.50
N PRO D 45 -19.20 4.91 -27.08
CA PRO D 45 -17.78 5.36 -27.00
C PRO D 45 -17.53 6.73 -27.63
N GLU D 46 -18.31 7.05 -28.70
CA GLU D 46 -18.20 8.32 -29.43
C GLU D 46 -18.47 9.52 -28.52
N SER D 47 -19.29 9.33 -27.47
CA SER D 47 -19.61 10.40 -26.54
C SER D 47 -18.42 10.81 -25.62
N PHE D 48 -17.28 10.08 -25.69
CA PHE D 48 -16.12 10.41 -24.86
C PHE D 48 -15.13 11.39 -25.53
N LYS D 49 -15.47 11.90 -26.74
CA LYS D 49 -14.63 12.87 -27.43
C LYS D 49 -14.73 14.20 -26.68
N ASN D 50 -13.61 14.65 -26.07
CA ASN D 50 -13.59 15.89 -25.29
C ASN D 50 -14.67 15.93 -24.21
N SER D 51 -14.87 14.80 -23.51
CA SER D 51 -15.86 14.74 -22.42
C SER D 51 -15.24 15.13 -21.04
N ALA D 52 -13.90 15.35 -20.96
CA ALA D 52 -13.26 15.73 -19.68
C ALA D 52 -13.87 17.05 -19.19
N THR D 53 -14.20 17.10 -17.89
CA THR D 53 -14.85 18.26 -17.28
C THR D 53 -14.60 18.22 -15.77
N PRO D 54 -14.56 19.38 -15.06
CA PRO D 54 -14.22 19.35 -13.64
C PRO D 54 -15.29 18.72 -12.73
N VAL D 55 -14.90 18.42 -11.49
CA VAL D 55 -15.83 17.93 -10.47
C VAL D 55 -16.94 18.98 -10.24
N GLY D 56 -18.17 18.52 -10.07
CA GLY D 56 -19.29 19.42 -9.85
C GLY D 56 -19.91 20.00 -11.11
N THR D 57 -19.48 19.51 -12.28
CA THR D 57 -20.00 19.98 -13.56
C THR D 57 -20.56 18.82 -14.41
N ALA D 58 -21.28 19.17 -15.48
CA ALA D 58 -21.80 18.21 -16.44
C ALA D 58 -21.46 18.69 -17.86
N LYS D 59 -21.09 17.76 -18.75
CA LYS D 59 -20.77 18.12 -20.12
C LYS D 59 -21.47 17.12 -21.04
N THR D 60 -22.33 17.61 -21.94
CA THR D 60 -23.06 16.72 -22.84
C THR D 60 -22.33 16.55 -24.16
N VAL D 61 -22.17 15.29 -24.60
CA VAL D 61 -21.57 14.95 -25.88
C VAL D 61 -22.54 13.97 -26.58
N MET D 62 -22.85 14.24 -27.85
N MET D 62 -22.90 14.25 -27.83
CA MET D 62 -23.78 13.39 -28.62
CA MET D 62 -23.80 13.37 -28.57
C MET D 62 -23.12 12.13 -29.17
C MET D 62 -23.08 12.09 -29.01
N CYS D 63 -23.83 10.99 -29.11
CA CYS D 63 -23.35 9.75 -29.72
C CYS D 63 -24.45 9.56 -30.79
N GLY D 64 -24.16 9.99 -32.03
CA GLY D 64 -25.17 10.05 -33.08
C GLY D 64 -26.05 11.24 -32.73
N THR D 65 -27.34 11.00 -32.44
CA THR D 65 -28.22 12.07 -31.94
C THR D 65 -28.63 11.79 -30.46
N TYR D 66 -28.06 10.78 -29.81
CA TYR D 66 -28.39 10.41 -28.46
C TYR D 66 -27.48 11.14 -27.48
N PRO D 67 -28.06 12.01 -26.63
CA PRO D 67 -27.22 12.77 -25.69
C PRO D 67 -26.70 11.98 -24.50
N VAL D 68 -25.38 12.08 -24.25
CA VAL D 68 -24.74 11.49 -23.07
C VAL D 68 -24.27 12.68 -22.19
N ILE D 69 -24.87 12.84 -21.01
CA ILE D 69 -24.55 13.91 -20.08
C ILE D 69 -23.52 13.41 -19.10
N HIS D 70 -22.23 13.77 -19.33
CA HIS D 70 -21.17 13.32 -18.41
C HIS D 70 -21.21 14.17 -17.13
N ALA D 71 -21.71 13.60 -16.02
CA ALA D 71 -21.80 14.33 -14.74
C ALA D 71 -20.69 13.85 -13.80
N VAL D 72 -19.84 14.80 -13.33
CA VAL D 72 -18.71 14.41 -12.49
C VAL D 72 -18.98 14.70 -11.00
N GLY D 73 -19.31 13.65 -10.26
CA GLY D 73 -19.54 13.78 -8.82
C GLY D 73 -18.21 13.74 -8.09
N PRO D 74 -18.14 14.27 -6.85
CA PRO D 74 -16.88 14.20 -6.11
C PRO D 74 -16.55 12.77 -5.66
N ASN D 75 -15.26 12.49 -5.53
CA ASN D 75 -14.81 11.24 -4.95
C ASN D 75 -14.60 11.57 -3.46
N PHE D 76 -15.44 10.99 -2.58
CA PHE D 76 -15.36 11.23 -1.13
C PHE D 76 -14.06 10.69 -0.47
N SER D 77 -13.24 9.92 -1.20
CA SER D 77 -11.92 9.55 -0.67
C SER D 77 -10.99 10.81 -0.73
N ASN D 78 -11.26 11.77 -1.64
CA ASN D 78 -10.44 12.97 -1.82
C ASN D 78 -11.01 14.21 -1.14
N TYR D 79 -12.34 14.35 -1.17
CA TYR D 79 -13.03 15.52 -0.60
C TYR D 79 -13.45 15.30 0.85
N THR D 80 -13.55 16.38 1.63
CA THR D 80 -14.11 16.30 2.98
C THR D 80 -15.63 16.11 2.81
N GLU D 81 -16.34 15.76 3.93
CA GLU D 81 -17.80 15.63 3.84
C GLU D 81 -18.43 16.97 3.43
N SER D 82 -17.93 18.08 4.02
CA SER D 82 -18.49 19.40 3.74
C SER D 82 -18.33 19.78 2.24
N GLU D 83 -17.08 19.72 1.75
CA GLU D 83 -16.80 20.15 0.38
C GLU D 83 -17.42 19.22 -0.66
N GLY D 84 -17.39 17.92 -0.39
CA GLY D 84 -17.97 16.93 -1.27
C GLY D 84 -19.48 17.07 -1.34
N ASP D 85 -20.16 17.39 -0.21
CA ASP D 85 -21.62 17.58 -0.24
C ASP D 85 -22.01 18.72 -1.20
N ARG D 86 -21.19 19.80 -1.20
CA ARG D 86 -21.40 20.96 -2.05
C ARG D 86 -21.19 20.57 -3.53
N GLU D 87 -20.12 19.79 -3.83
CA GLU D 87 -19.84 19.38 -5.22
C GLU D 87 -20.87 18.37 -5.76
N LEU D 88 -21.41 17.52 -4.87
CA LEU D 88 -22.43 16.55 -5.27
C LEU D 88 -23.72 17.29 -5.65
N ALA D 89 -24.13 18.29 -4.86
CA ALA D 89 -25.30 19.12 -5.16
C ALA D 89 -25.08 19.85 -6.51
N ALA D 90 -23.86 20.39 -6.73
CA ALA D 90 -23.51 21.12 -7.96
C ALA D 90 -23.57 20.21 -9.21
N ALA D 91 -23.04 18.97 -9.13
CA ALA D 91 -23.08 18.05 -10.28
C ALA D 91 -24.55 17.80 -10.69
N TYR D 92 -25.43 17.53 -9.70
CA TYR D 92 -26.83 17.30 -10.01
C TYR D 92 -27.51 18.56 -10.58
N ARG D 93 -27.20 19.73 -10.05
N ARG D 93 -27.20 19.74 -10.05
CA ARG D 93 -27.74 21.00 -10.55
CA ARG D 93 -27.74 21.00 -10.55
C ARG D 93 -27.37 21.19 -12.04
C ARG D 93 -27.38 21.18 -12.04
N GLU D 94 -26.13 20.85 -12.40
CA GLU D 94 -25.67 20.98 -13.80
C GLU D 94 -26.36 19.93 -14.70
N VAL D 95 -26.66 18.74 -14.17
CA VAL D 95 -27.43 17.73 -14.92
C VAL D 95 -28.83 18.31 -15.22
N ALA D 96 -29.51 18.90 -14.23
CA ALA D 96 -30.84 19.49 -14.44
C ALA D 96 -30.82 20.58 -15.51
N LYS D 97 -29.77 21.45 -15.50
CA LYS D 97 -29.63 22.50 -16.52
C LYS D 97 -29.51 21.88 -17.91
N GLU D 98 -28.69 20.83 -18.04
CA GLU D 98 -28.49 20.14 -19.33
C GLU D 98 -29.77 19.46 -19.84
N VAL D 99 -30.48 18.77 -18.96
CA VAL D 99 -31.75 18.10 -19.31
C VAL D 99 -32.75 19.15 -19.83
N THR D 100 -32.83 20.31 -19.15
CA THR D 100 -33.72 21.38 -19.57
C THR D 100 -33.30 21.95 -20.93
N ARG D 101 -31.99 22.26 -21.09
CA ARG D 101 -31.46 22.81 -22.34
C ARG D 101 -31.74 21.88 -23.54
N LEU D 102 -31.59 20.57 -23.34
CA LEU D 102 -31.80 19.56 -24.38
C LEU D 102 -33.27 19.40 -24.81
N GLY D 103 -34.20 19.77 -23.94
CA GLY D 103 -35.63 19.67 -24.25
C GLY D 103 -36.17 18.26 -24.24
N VAL D 104 -35.40 17.29 -23.70
CA VAL D 104 -35.82 15.89 -23.65
C VAL D 104 -37.05 15.70 -22.76
N ASN D 105 -37.85 14.68 -23.07
CA ASN D 105 -39.01 14.32 -22.28
C ASN D 105 -38.66 13.30 -21.17
N SER D 106 -37.47 12.66 -21.26
CA SER D 106 -37.06 11.68 -20.23
C SER D 106 -35.55 11.60 -20.13
N VAL D 107 -35.07 11.12 -18.98
CA VAL D 107 -33.64 10.97 -18.72
C VAL D 107 -33.40 9.77 -17.82
N ALA D 108 -32.34 8.98 -18.13
CA ALA D 108 -31.90 7.83 -17.33
C ALA D 108 -30.73 8.37 -16.46
N ILE D 109 -30.79 8.16 -15.14
N ILE D 109 -30.80 8.18 -15.13
CA ILE D 109 -29.77 8.70 -14.24
CA ILE D 109 -29.77 8.72 -14.23
C ILE D 109 -29.30 7.67 -13.19
C ILE D 109 -29.30 7.68 -13.21
N PRO D 110 -27.99 7.59 -12.95
CA PRO D 110 -27.49 6.70 -11.88
C PRO D 110 -27.33 7.51 -10.56
N LEU D 111 -26.98 6.85 -9.43
CA LEU D 111 -26.76 7.60 -8.17
C LEU D 111 -25.30 8.04 -8.09
N LEU D 112 -25.04 9.34 -8.33
CA LEU D 112 -23.69 9.86 -8.35
C LEU D 112 -23.00 9.74 -6.99
N SER D 113 -21.68 9.58 -7.04
CA SER D 113 -20.80 9.53 -5.85
C SER D 113 -21.07 8.34 -4.90
N THR D 114 -21.68 7.28 -5.43
CA THR D 114 -21.85 6.03 -4.70
C THR D 114 -20.68 5.12 -5.22
N GLY D 115 -20.70 3.82 -4.96
CA GLY D 115 -19.63 2.93 -5.41
C GLY D 115 -18.23 3.38 -5.04
N VAL D 116 -17.29 3.34 -6.02
CA VAL D 116 -15.89 3.69 -5.75
C VAL D 116 -15.66 5.15 -5.39
N TYR D 117 -16.66 6.04 -5.61
CA TYR D 117 -16.50 7.45 -5.17
C TYR D 117 -17.12 7.71 -3.76
N SER D 118 -17.62 6.65 -3.08
CA SER D 118 -18.31 6.86 -1.80
C SER D 118 -17.43 7.03 -0.55
N GLY D 119 -16.12 6.80 -0.68
CA GLY D 119 -15.22 6.88 0.48
C GLY D 119 -15.56 5.79 1.51
N GLY D 120 -16.07 4.65 1.06
CA GLY D 120 -16.44 3.54 1.93
C GLY D 120 -17.73 3.73 2.73
N LYS D 121 -18.51 4.77 2.40
CA LYS D 121 -19.75 5.07 3.13
C LYS D 121 -20.99 4.81 2.27
N ASP D 122 -22.14 4.48 2.92
CA ASP D 122 -23.39 4.28 2.17
C ASP D 122 -23.93 5.68 1.88
N ARG D 123 -24.00 6.07 0.61
CA ARG D 123 -24.47 7.40 0.24
C ARG D 123 -25.77 7.42 -0.53
N LEU D 124 -26.59 6.35 -0.43
CA LEU D 124 -27.88 6.29 -1.15
C LEU D 124 -28.77 7.52 -0.83
N THR D 125 -29.06 7.76 0.46
CA THR D 125 -29.94 8.85 0.86
C THR D 125 -29.38 10.20 0.46
N GLN D 126 -28.08 10.40 0.69
CA GLN D 126 -27.46 11.67 0.37
C GLN D 126 -27.53 11.96 -1.14
N SER D 127 -27.12 11.01 -1.97
CA SER D 127 -27.11 11.20 -3.41
C SER D 127 -28.55 11.37 -3.96
N LEU D 128 -29.49 10.54 -3.47
CA LEU D 128 -30.89 10.64 -3.90
C LEU D 128 -31.51 12.00 -3.52
N ASN D 129 -31.12 12.54 -2.33
N ASN D 129 -31.15 12.53 -2.33
CA ASN D 129 -31.59 13.84 -1.81
CA ASN D 129 -31.70 13.81 -1.89
C ASN D 129 -31.19 14.92 -2.79
C ASN D 129 -31.21 14.94 -2.80
N HIS D 130 -29.92 14.94 -3.19
CA HIS D 130 -29.42 15.94 -4.14
C HIS D 130 -30.06 15.77 -5.53
N LEU D 131 -30.32 14.53 -5.93
CA LEU D 131 -30.95 14.21 -7.23
C LEU D 131 -32.35 14.84 -7.26
N PHE D 132 -33.19 14.54 -6.24
CA PHE D 132 -34.56 15.09 -6.14
C PHE D 132 -34.54 16.64 -6.18
N THR D 133 -33.67 17.29 -5.37
CA THR D 133 -33.63 18.76 -5.30
C THR D 133 -33.33 19.39 -6.66
N ALA D 134 -32.35 18.81 -7.39
CA ALA D 134 -32.01 19.32 -8.71
C ALA D 134 -33.08 18.98 -9.77
N MET D 135 -33.50 17.72 -9.87
CA MET D 135 -34.41 17.30 -10.94
C MET D 135 -35.82 17.85 -10.78
N ASP D 136 -36.19 18.34 -9.56
CA ASP D 136 -37.51 18.96 -9.38
C ASP D 136 -37.66 20.22 -10.23
N SER D 137 -36.54 20.89 -10.60
CA SER D 137 -36.61 22.08 -11.46
C SER D 137 -36.90 21.72 -12.95
N THR D 138 -36.86 20.43 -13.32
CA THR D 138 -37.14 20.02 -14.69
C THR D 138 -38.61 19.52 -14.82
N ASP D 139 -39.07 19.31 -16.05
CA ASP D 139 -40.37 18.67 -16.27
C ASP D 139 -40.22 17.30 -17.00
N ALA D 140 -38.99 16.74 -17.00
CA ALA D 140 -38.74 15.47 -17.64
C ALA D 140 -39.17 14.31 -16.76
N ASP D 141 -39.44 13.15 -17.38
CA ASP D 141 -39.68 11.93 -16.64
C ASP D 141 -38.29 11.45 -16.26
N VAL D 142 -38.04 11.20 -14.98
CA VAL D 142 -36.73 10.78 -14.51
C VAL D 142 -36.77 9.30 -14.16
N VAL D 143 -35.83 8.52 -14.73
CA VAL D 143 -35.77 7.11 -14.40
C VAL D 143 -34.40 6.82 -13.79
N ILE D 144 -34.40 6.44 -12.52
CA ILE D 144 -33.20 6.16 -11.76
C ILE D 144 -32.84 4.71 -11.96
N TYR D 145 -31.57 4.43 -12.32
CA TYR D 145 -31.10 3.06 -12.54
C TYR D 145 -30.16 2.59 -11.42
N CYS D 146 -30.42 1.40 -10.86
CA CYS D 146 -29.55 0.83 -9.84
C CYS D 146 -29.32 -0.67 -10.11
N ARG D 147 -28.45 -1.32 -9.34
CA ARG D 147 -28.19 -2.75 -9.53
C ARG D 147 -28.55 -3.59 -8.31
N ASP D 148 -28.62 -2.98 -7.13
CA ASP D 148 -28.88 -3.69 -5.90
C ASP D 148 -30.39 -3.79 -5.56
N LYS D 149 -30.83 -4.99 -5.12
CA LYS D 149 -32.24 -5.20 -4.78
C LYS D 149 -32.69 -4.36 -3.58
N GLU D 150 -31.84 -4.26 -2.53
CA GLU D 150 -32.19 -3.44 -1.36
C GLU D 150 -32.21 -1.95 -1.74
N TRP D 151 -31.30 -1.53 -2.64
CA TRP D 151 -31.29 -0.13 -3.08
C TRP D 151 -32.54 0.19 -3.91
N GLU D 152 -32.98 -0.72 -4.78
CA GLU D 152 -34.21 -0.53 -5.57
C GLU D 152 -35.42 -0.30 -4.60
N LYS D 153 -35.53 -1.14 -3.58
CA LYS D 153 -36.61 -1.02 -2.60
C LYS D 153 -36.55 0.33 -1.87
N LYS D 154 -35.35 0.74 -1.40
CA LYS D 154 -35.18 2.02 -0.72
C LYS D 154 -35.46 3.22 -1.61
N ILE D 155 -35.02 3.18 -2.89
CA ILE D 155 -35.29 4.28 -3.81
C ILE D 155 -36.79 4.35 -4.09
N SER D 156 -37.44 3.18 -4.30
CA SER D 156 -38.87 3.16 -4.55
C SER D 156 -39.67 3.75 -3.37
N GLU D 157 -39.27 3.40 -2.15
CA GLU D 157 -39.92 3.91 -0.93
C GLU D 157 -39.71 5.43 -0.85
N ALA D 158 -38.50 5.91 -1.15
CA ALA D 158 -38.20 7.33 -1.12
C ALA D 158 -39.02 8.10 -2.15
N ILE D 159 -39.26 7.53 -3.34
CA ILE D 159 -40.10 8.15 -4.37
C ILE D 159 -41.56 8.24 -3.85
N GLN D 160 -42.09 7.13 -3.35
CA GLN D 160 -43.47 7.11 -2.84
C GLN D 160 -43.72 8.04 -1.63
N MET D 161 -42.72 8.18 -0.75
CA MET D 161 -42.82 9.05 0.42
C MET D 161 -43.00 10.54 0.05
N ARG D 162 -42.48 10.94 -1.12
CA ARG D 162 -42.59 12.31 -1.62
C ARG D 162 -43.98 12.62 -2.12
N THR D 163 -44.69 11.62 -2.68
CA THR D 163 -46.03 11.79 -3.27
C THR D 163 -47.12 11.92 -2.18
CL CL E . 5.54 -15.49 11.93
S DMS F . -3.38 -5.29 5.91
O DMS F . -3.71 -5.79 4.53
C1 DMS F . -2.25 -6.39 6.76
C2 DMS F . -4.76 -5.65 7.02
S DMS G . -8.30 -23.58 2.72
O DMS G . -9.51 -22.74 2.38
C1 DMS G . -7.69 -24.29 1.16
C2 DMS G . -9.01 -25.11 3.43
S DMS H . 2.59 -30.27 9.84
O DMS H . 1.57 -29.83 8.82
C1 DMS H . 2.30 -32.02 10.21
C2 DMS H . 2.06 -29.67 11.47
C TRS I . -8.89 -29.79 -14.03
C1 TRS I . -7.39 -29.50 -14.11
C2 TRS I . -9.71 -28.50 -14.06
C3 TRS I . -9.31 -30.74 -15.16
N TRS I . -9.15 -30.48 -12.71
O1 TRS I . -6.60 -30.68 -13.97
O2 TRS I . -9.49 -27.74 -15.25
O3 TRS I . -10.65 -31.22 -15.00
S DMS J . -2.89 -11.18 -14.41
O DMS J . -1.65 -11.50 -13.63
C1 DMS J . -4.07 -10.46 -13.28
C2 DMS J . -3.89 -12.68 -14.70
N1 A1AK0 K . 3.77 -27.11 8.63
N3 A1AK0 K . 3.92 -26.43 6.64
C4 A1AK0 K . -0.63 -25.80 5.04
C5 A1AK0 K . 0.51 -25.72 6.06
C6 A1AK0 K . 1.59 -26.78 5.78
C7 A1AK0 K . 2.65 -26.81 6.82
C8 A1AK0 K . 0.60 -23.40 6.86
C10 A1AK0 K . 2.95 -20.83 5.76
C13 A1AK0 K . -0.44 -20.50 7.97
C15 A1AK0 K . -0.43 -25.50 3.71
O1 A1AK0 K . -0.42 -23.55 7.54
C9 A1AK0 K . 1.27 -22.07 6.71
C14 A1AK0 K . 0.68 -20.89 7.20
C12 A1AK0 K . -0.44 -19.13 8.02
N7 A1AK0 K . 0.63 -18.63 7.31
C11 A1AK0 K . 1.35 -19.70 6.82
N6 A1AK0 K . 2.49 -19.63 6.13
N5 A1AK0 K . 2.40 -22.03 5.98
N4 A1AK0 K . 1.12 -24.40 6.11
N2 A1AK0 K . 4.60 -26.63 7.79
N A1AK0 K . 2.54 -27.23 8.07
C3 A1AK0 K . -1.89 -26.17 5.46
C2 A1AK0 K . -2.94 -26.29 4.55
C16 A1AK0 K . -1.46 -25.61 2.79
C1 A1AK0 K . -2.71 -26.03 3.21
O A1AK0 K . -3.69 -26.26 2.28
C A1AK0 K . -4.68 -27.24 2.60
C1 GOL L . 8.27 -18.55 13.80
O1 GOL L . 8.13 -17.30 13.14
C2 GOL L . 6.99 -19.36 13.78
O2 GOL L . 5.98 -18.73 14.57
C3 GOL L . 6.49 -19.63 12.38
O3 GOL L . 5.62 -20.76 12.38
S DMS M . 9.36 -7.32 25.81
O DMS M . 9.33 -8.73 25.33
C1 DMS M . 11.04 -6.99 26.40
C2 DMS M . 8.59 -7.41 27.46
N1 A1AK0 N . 9.53 6.54 24.01
N3 A1AK0 N . 9.18 5.35 25.72
C4 A1AK0 N . 10.38 0.83 25.12
C5 A1AK0 N . 9.94 2.19 24.63
C6 A1AK0 N . 10.67 3.38 25.30
C7 A1AK0 N . 10.08 4.70 24.97
C8 A1AK0 N . 9.00 1.93 22.39
C10 A1AK0 N . 10.60 2.78 19.22
C13 A1AK0 N . 7.40 0.39 19.94
C15 A1AK0 N . 11.69 0.39 24.96
O1 A1AK0 N . 7.94 1.48 22.84
C9 A1AK0 N . 9.25 2.01 20.90
C14 A1AK0 N . 8.52 1.26 19.97
C12 A1AK0 N . 7.26 -0.04 18.66
N7 A1AK0 N . 8.23 0.52 17.86
C11 A1AK0 N . 9.00 1.34 18.64
N6 A1AK0 N . 10.03 2.10 18.23
N5 A1AK0 N . 10.30 2.77 20.52
N4 A1AK0 N . 10.01 2.32 23.18
N2 A1AK0 N . 8.85 6.50 25.10
N A1AK0 N . 10.32 5.44 23.90
C3 A1AK0 N . 9.48 0.00 25.78
C2 A1AK0 N . 9.89 -1.21 26.31
C16 A1AK0 N . 12.11 -0.81 25.50
C1 A1AK0 N . 11.21 -1.60 26.20
O A1AK0 N . 11.60 -2.71 26.92
C A1AK0 N . 11.35 -2.70 28.30
C TRS O . 25.20 -13.03 32.25
C1 TRS O . 25.78 -11.77 31.62
C2 TRS O . 23.72 -12.84 32.59
C3 TRS O . 25.37 -14.23 31.31
N TRS O . 25.95 -13.32 33.52
O1 TRS O . 25.73 -10.64 32.50
O2 TRS O . 23.52 -11.85 33.59
O3 TRS O . 24.84 -15.43 31.87
CL CL P . 7.26 6.19 9.24
S DMS Q . 16.08 29.80 -3.73
O DMS Q . 15.62 29.83 -5.16
C1 DMS Q . 14.78 30.51 -2.69
C2 DMS Q . 17.25 31.18 -3.51
S DMS R . -3.43 -1.30 -3.16
O DMS R . -2.00 -1.59 -2.75
C1 DMS R . -4.25 -0.45 -1.80
C2 DMS R . -4.41 -2.83 -3.05
N1 A1AK0 S . 13.80 10.52 -13.81
N3 A1AK0 S . 14.90 9.67 -12.24
C4 A1AK0 S . 13.62 10.59 -7.89
C5 A1AK0 S . 13.98 10.89 -9.32
C6 A1AK0 S . 13.32 9.88 -10.30
C7 A1AK0 S . 13.74 10.05 -11.73
C8 A1AK0 S . 14.51 13.29 -9.48
C10 A1AK0 S . 12.51 15.96 -11.02
C13 A1AK0 S . 15.89 16.16 -8.78
C15 A1AK0 S . 14.59 10.18 -6.99
O1 A1AK0 S . 15.61 13.12 -8.96
C9 A1AK0 S . 14.04 14.66 -9.91
C14 A1AK0 S . 14.73 15.81 -9.54
C12 A1AK0 S . 16.00 17.52 -8.83
N7 A1AK0 S . 14.97 18.06 -9.56
C11 A1AK0 S . 14.18 17.03 -10.01
N6 A1AK0 S . 13.07 17.14 -10.74
N5 A1AK0 S . 12.91 14.74 -10.65
N4 A1AK0 S . 13.66 12.27 -9.72
N2 A1AK0 S . 14.93 9.97 -13.55
N A1AK0 S . 13.03 10.60 -12.70
C3 A1AK0 S . 12.31 10.70 -7.43
C2 A1AK0 S . 11.98 10.41 -6.12
C16 A1AK0 S . 14.29 9.89 -5.67
C1 A1AK0 S . 12.98 10.01 -5.23
O A1AK0 S . 12.58 9.75 -3.94
C A1AK0 S . 13.54 9.28 -3.00
C TRS T . -16.26 24.01 -9.44
C1 TRS T . -15.10 24.97 -9.18
C2 TRS T . -17.41 24.26 -8.45
C3 TRS T . -16.76 24.16 -10.88
N TRS T . -15.79 22.60 -9.25
O1 TRS T . -14.49 24.75 -7.91
O2 TRS T . -18.47 23.33 -8.60
O3 TRS T . -15.77 23.78 -11.83
S DMS U . -22.55 -1.79 -28.58
O DMS U . -23.16 -1.78 -27.20
C1 DMS U . -20.85 -2.42 -28.36
C2 DMS U . -22.05 -0.11 -29.08
S DMS V . -15.20 6.10 -12.44
O DMS V . -14.91 5.87 -13.87
C1 DMS V . -16.25 4.85 -11.68
C2 DMS V . -16.31 7.51 -12.27
S DMS W . -24.56 19.70 -27.03
O DMS W . -25.65 18.97 -26.31
C1 DMS W . -23.41 18.46 -27.63
C2 DMS W . -23.39 20.44 -25.85
N1 A1AK0 X . -27.21 0.27 -7.16
N3 A1AK0 X . -25.20 0.42 -6.55
C4 A1AK0 X . -22.56 3.38 -9.06
C5 A1AK0 X . -23.57 2.29 -8.78
C6 A1AK0 X . -24.49 2.61 -7.58
C7 A1AK0 X . -25.47 1.51 -7.27
C8 A1AK0 X . -23.90 1.07 -10.87
C10 A1AK0 X . -26.78 1.27 -13.14
C13 A1AK0 X . -23.12 -0.38 -13.73
C15 A1AK0 X . -22.95 4.63 -9.55
O1 A1AK0 X . -22.80 0.54 -10.78
C9 A1AK0 X . -24.78 0.87 -12.10
C14 A1AK0 X . -24.31 0.24 -13.26
C12 A1AK0 X . -23.33 -0.72 -15.04
N7 A1AK0 X . -24.61 -0.36 -15.42
C11 A1AK0 X . -25.23 0.21 -14.33
N6 A1AK0 X . -26.48 0.69 -14.31
N5 A1AK0 X . -26.02 1.39 -12.05
N4 A1AK0 X . -24.37 1.91 -9.94
N2 A1AK0 X . -26.31 -0.35 -6.49
N A1AK0 X . -26.73 1.44 -7.67
C3 A1AK0 X . -21.23 3.20 -8.73
C2 A1AK0 X . -20.31 4.23 -8.83
C16 A1AK0 X . -22.05 5.67 -9.66
C1 A1AK0 X . -20.73 5.48 -9.28
O A1AK0 X . -19.85 6.54 -9.26
C A1AK0 X . -18.51 6.31 -8.84
#